data_6AWI
#
_entry.id   6AWI
#
_cell.length_a   73.388
_cell.length_b   57.042
_cell.length_c   134.077
_cell.angle_alpha   90.000
_cell.angle_beta   99.880
_cell.angle_gamma   90.000
#
_symmetry.space_group_name_H-M   'P 1 21 1'
#
loop_
_entity.id
_entity.type
_entity.pdbx_description
1 polymer 'Type II pantothenate kinase'
2 non-polymer "ADENOSINE-5'-DIPHOSPHATE"
3 non-polymer (2R)-2-hydroxy-3,3-dimethyl-N-[3-oxo-3-(pentylamino)propyl]butanamide
4 water water
#
_entity_poly.entity_id   1
_entity_poly.type   'polypeptide(L)'
_entity_poly.pdbx_seq_one_letter_code
;MKVGIDAGGTLIKIVQEQDNQRTFKTELTKNIDQVVEWLNQQQIEKLCLTGGNAGVIAENINIPAQIFVEFDAASQGLGI
LLKEQGHDLADYIFANVGTGTSLHYFDGQSQRRVGGIGTGGGMIQGLGYLLSQITDYKQLTDMAQHGDRNTIDLKVRHIY
KDTEPPIPGDLTAANFGHVLHHLDADFTPSNKLAAVIGVVGEVVTTMAITVAREFKTENIVYIGSSFHNNALLRKVVEDY
TVLRGCKPYYVENGAFSGAIGALYLE
;
_entity_poly.pdbx_strand_id   A,B,C,D
#
loop_
_chem_comp.id
_chem_comp.type
_chem_comp.name
_chem_comp.formula
ADP non-polymer ADENOSINE-5'-DIPHOSPHATE 'C10 H15 N5 O10 P2'
C0D non-polymer (2R)-2-hydroxy-3,3-dimethyl-N-[3-oxo-3-(pentylamino)propyl]butanamide 'C14 H28 N2 O3'
#
# COMPACT_ATOMS: atom_id res chain seq x y z
N MET A 1 -28.29 9.85 -10.78
CA MET A 1 -26.81 9.80 -10.51
C MET A 1 -26.27 11.19 -10.22
N LYS A 2 -25.21 11.23 -9.45
CA LYS A 2 -24.55 12.44 -9.11
C LYS A 2 -23.21 12.35 -9.81
N VAL A 3 -22.71 13.48 -10.32
CA VAL A 3 -21.47 13.44 -11.10
C VAL A 3 -20.50 14.49 -10.58
N GLY A 4 -19.25 14.08 -10.31
CA GLY A 4 -18.20 15.04 -10.04
C GLY A 4 -17.16 14.99 -11.09
N ILE A 5 -16.64 16.14 -11.48
CA ILE A 5 -15.63 16.18 -12.50
C ILE A 5 -14.51 17.12 -12.14
N ASP A 6 -13.30 16.61 -12.33
CA ASP A 6 -12.07 17.36 -12.16
C ASP A 6 -11.41 17.42 -13.52
N ALA A 7 -11.59 18.56 -14.17
CA ALA A 7 -11.18 18.76 -15.51
C ALA A 7 -9.84 19.52 -15.47
N GLY A 8 -8.75 18.78 -15.56
CA GLY A 8 -7.43 19.32 -15.44
C GLY A 8 -6.77 19.71 -16.72
N GLY A 9 -5.49 20.05 -16.65
CA GLY A 9 -4.79 20.48 -17.86
C GLY A 9 -4.55 19.38 -18.90
N THR A 10 -4.48 18.14 -18.43
CA THR A 10 -4.21 17.00 -19.30
C THR A 10 -5.37 15.92 -19.30
N LEU A 11 -5.88 15.59 -18.14
CA LEU A 11 -6.90 14.55 -17.99
C LEU A 11 -8.15 15.14 -17.35
N ILE A 12 -9.29 14.64 -17.86
CA ILE A 12 -10.58 14.85 -17.23
C ILE A 12 -10.97 13.65 -16.43
N LYS A 13 -11.17 13.84 -15.13
CA LYS A 13 -11.52 12.75 -14.20
C LYS A 13 -12.95 12.90 -13.82
N ILE A 14 -13.72 11.85 -14.06
CA ILE A 14 -15.16 11.91 -13.91
C ILE A 14 -15.54 10.76 -12.99
N VAL A 15 -16.27 11.07 -11.91
CA VAL A 15 -16.82 10.07 -11.00
C VAL A 15 -18.34 10.20 -11.06
N GLN A 16 -18.98 9.05 -11.30
CA GLN A 16 -20.42 8.94 -11.24
C GLN A 16 -20.85 8.12 -10.08
N GLU A 17 -21.84 8.57 -9.34
CA GLU A 17 -22.20 7.90 -8.12
C GLU A 17 -23.71 7.63 -8.21
N GLN A 18 -24.15 6.39 -8.03
CA GLN A 18 -25.54 6.13 -7.73
C GLN A 18 -25.69 4.90 -6.90
N ASP A 19 -26.55 5.05 -5.92
CA ASP A 19 -26.58 4.18 -4.74
C ASP A 19 -25.19 4.31 -4.20
N ASN A 20 -24.66 3.30 -3.56
CA ASN A 20 -23.27 3.40 -3.18
C ASN A 20 -22.35 2.87 -4.30
N GLN A 21 -22.76 2.96 -5.57
CA GLN A 21 -21.91 2.46 -6.65
C GLN A 21 -21.17 3.54 -7.39
N ARG A 22 -19.87 3.39 -7.55
CA ARG A 22 -19.08 4.42 -8.24
C ARG A 22 -18.53 3.98 -9.56
N THR A 23 -18.45 4.93 -10.44
CA THR A 23 -17.83 4.73 -11.70
C THR A 23 -16.67 5.74 -11.74
N PHE A 24 -15.46 5.28 -12.01
CA PHE A 24 -14.28 6.14 -12.17
C PHE A 24 -13.82 6.18 -13.62
N LYS A 25 -14.06 7.30 -14.27
CA LYS A 25 -13.73 7.46 -15.64
C LYS A 25 -12.64 8.50 -15.93
N THR A 26 -11.71 8.15 -16.80
CA THR A 26 -10.77 9.19 -17.32
C THR A 26 -10.79 9.41 -18.83
N GLU A 27 -10.76 10.68 -19.17
CA GLU A 27 -10.81 11.14 -20.53
C GLU A 27 -9.75 12.17 -20.77
N LEU A 28 -9.35 12.34 -22.02
CA LEU A 28 -8.37 13.37 -22.32
C LEU A 28 -8.97 14.77 -22.33
N THR A 29 -8.21 15.72 -21.76
CA THR A 29 -8.58 17.15 -21.92
C THR A 29 -8.70 17.56 -23.33
N LYS A 30 -7.91 16.96 -24.20
CA LYS A 30 -8.10 17.14 -25.64
C LYS A 30 -9.54 16.85 -26.10
N ASN A 31 -10.15 15.81 -25.52
CA ASN A 31 -11.53 15.42 -25.84
C ASN A 31 -12.66 16.01 -25.03
N ILE A 32 -12.43 17.18 -24.45
CA ILE A 32 -13.40 17.78 -23.59
C ILE A 32 -14.79 17.96 -24.29
N ASP A 33 -14.81 18.19 -25.60
CA ASP A 33 -16.07 18.35 -26.37
C ASP A 33 -16.95 17.09 -26.32
N GLN A 34 -16.33 15.94 -26.31
CA GLN A 34 -17.02 14.67 -26.08
C GLN A 34 -17.54 14.46 -24.67
N VAL A 35 -16.84 14.95 -23.67
CA VAL A 35 -17.36 14.95 -22.32
C VAL A 35 -18.63 15.81 -22.23
N VAL A 36 -18.61 16.99 -22.83
CA VAL A 36 -19.75 17.88 -22.74
C VAL A 36 -20.95 17.23 -23.44
N GLU A 37 -20.68 16.59 -24.54
CA GLU A 37 -21.71 15.91 -25.32
C GLU A 37 -22.38 14.83 -24.49
N TRP A 38 -21.53 14.00 -23.87
CA TRP A 38 -21.94 12.89 -23.01
C TRP A 38 -22.80 13.38 -21.90
N LEU A 39 -22.38 14.50 -21.27
CA LEU A 39 -23.09 15.05 -20.15
C LEU A 39 -24.44 15.53 -20.60
N ASN A 40 -24.46 16.14 -21.76
CA ASN A 40 -25.73 16.71 -22.24
C ASN A 40 -26.78 15.60 -22.53
N GLN A 41 -26.32 14.35 -22.71
CA GLN A 41 -27.25 13.22 -22.95
C GLN A 41 -27.70 12.50 -21.69
N GLN A 42 -27.11 12.79 -20.54
CA GLN A 42 -27.44 12.09 -19.30
C GLN A 42 -28.51 12.75 -18.47
N GLN A 43 -29.12 11.94 -17.63
CA GLN A 43 -29.99 12.41 -16.57
C GLN A 43 -29.18 12.57 -15.30
N ILE A 44 -28.86 13.84 -14.94
CA ILE A 44 -27.96 14.11 -13.80
C ILE A 44 -28.67 14.82 -12.68
N GLU A 45 -28.69 14.21 -11.51
CA GLU A 45 -29.30 14.86 -10.36
C GLU A 45 -28.47 16.02 -9.83
N LYS A 46 -27.15 15.85 -9.81
CA LYS A 46 -26.24 16.85 -9.24
C LYS A 46 -24.92 16.76 -10.02
N LEU A 47 -24.42 17.90 -10.51
CA LEU A 47 -23.12 18.01 -11.23
C LEU A 47 -22.27 19.02 -10.50
N CYS A 48 -21.09 18.57 -10.06
CA CYS A 48 -20.12 19.43 -9.38
C CYS A 48 -18.81 19.39 -10.19
N LEU A 49 -18.17 20.54 -10.36
CA LEU A 49 -17.02 20.74 -11.31
C LEU A 49 -15.85 21.35 -10.53
N THR A 50 -14.63 20.96 -10.88
CA THR A 50 -13.45 21.65 -10.37
C THR A 50 -12.38 21.48 -11.41
N GLY A 51 -11.28 22.20 -11.27
CA GLY A 51 -10.18 22.02 -12.22
C GLY A 51 -10.05 23.21 -13.11
N GLY A 52 -8.88 23.38 -13.74
CA GLY A 52 -8.71 24.48 -14.67
C GLY A 52 -9.66 24.53 -15.84
N ASN A 53 -10.12 23.37 -16.33
CA ASN A 53 -11.09 23.36 -17.44
C ASN A 53 -12.56 23.23 -17.06
N ALA A 54 -12.86 23.48 -15.79
CA ALA A 54 -14.25 23.40 -15.28
C ALA A 54 -15.16 24.39 -16.05
N GLY A 55 -14.63 25.58 -16.32
CA GLY A 55 -15.35 26.65 -17.05
C GLY A 55 -15.75 26.28 -18.42
N VAL A 56 -14.90 25.54 -19.11
CA VAL A 56 -15.19 25.06 -20.43
C VAL A 56 -16.38 24.14 -20.42
N ILE A 57 -16.44 23.23 -19.47
CA ILE A 57 -17.56 22.34 -19.36
C ILE A 57 -18.83 23.13 -18.98
N ALA A 58 -18.72 23.95 -17.97
CA ALA A 58 -19.85 24.74 -17.52
C ALA A 58 -20.50 25.61 -18.59
N GLU A 59 -19.72 26.21 -19.47
CA GLU A 59 -20.34 27.08 -20.48
C GLU A 59 -21.00 26.36 -21.64
N ASN A 60 -20.72 25.08 -21.78
CA ASN A 60 -21.24 24.28 -22.86
C ASN A 60 -22.30 23.22 -22.50
N ILE A 61 -22.66 23.13 -21.23
CA ILE A 61 -23.73 22.20 -20.79
C ILE A 61 -25.06 22.90 -20.55
N ASN A 62 -26.12 22.11 -20.46
CA ASN A 62 -27.48 22.65 -20.43
C ASN A 62 -28.05 22.62 -19.06
N ILE A 63 -27.21 22.40 -18.06
CA ILE A 63 -27.69 22.40 -16.71
C ILE A 63 -26.78 23.19 -15.74
N PRO A 64 -27.33 23.66 -14.63
CA PRO A 64 -26.50 24.39 -13.69
C PRO A 64 -25.46 23.43 -13.11
N ALA A 65 -24.34 23.96 -12.62
CA ALA A 65 -23.33 23.12 -12.01
C ALA A 65 -22.63 23.94 -10.96
N GLN A 66 -22.36 23.36 -9.80
CA GLN A 66 -21.55 24.03 -8.81
C GLN A 66 -20.10 23.86 -9.17
N ILE A 67 -19.31 24.89 -8.93
CA ILE A 67 -17.86 24.96 -9.27
C ILE A 67 -17.07 25.19 -7.97
N PHE A 68 -16.09 24.33 -7.71
CA PHE A 68 -15.31 24.36 -6.47
C PHE A 68 -13.84 24.57 -6.82
N VAL A 69 -13.08 25.16 -5.90
CA VAL A 69 -11.64 25.30 -6.09
C VAL A 69 -10.96 23.93 -5.91
N GLU A 70 -10.06 23.57 -6.83
CA GLU A 70 -9.53 22.23 -6.85
C GLU A 70 -8.71 21.82 -5.61
N PHE A 71 -8.16 22.80 -4.89
CA PHE A 71 -7.35 22.46 -3.68
C PHE A 71 -8.29 21.94 -2.57
N ASP A 72 -9.41 22.59 -2.40
CA ASP A 72 -10.39 22.13 -1.43
C ASP A 72 -10.99 20.83 -1.83
N ALA A 73 -11.34 20.68 -3.11
CA ALA A 73 -11.96 19.45 -3.59
C ALA A 73 -10.98 18.30 -3.46
N ALA A 74 -9.73 18.47 -3.85
CA ALA A 74 -8.76 17.37 -3.75
C ALA A 74 -8.63 16.93 -2.30
N SER A 75 -8.54 17.90 -1.40
CA SER A 75 -8.34 17.63 0.05
C SER A 75 -9.61 16.85 0.52
N GLN A 76 -10.77 17.20 0.02
CA GLN A 76 -12.03 16.60 0.54
C GLN A 76 -12.16 15.11 0.09
N GLY A 77 -11.82 14.83 -1.18
CA GLY A 77 -11.89 13.50 -1.78
C GLY A 77 -10.82 12.63 -1.24
N LEU A 78 -9.65 13.23 -1.01
CA LEU A 78 -8.55 12.44 -0.53
C LEU A 78 -8.87 11.92 0.86
N GLY A 79 -9.46 12.74 1.71
CA GLY A 79 -9.80 12.34 3.07
C GLY A 79 -10.81 11.23 3.03
N ILE A 80 -11.80 11.34 2.13
CA ILE A 80 -12.76 10.28 1.91
C ILE A 80 -12.12 8.92 1.52
N LEU A 81 -11.23 8.94 0.53
CA LEU A 81 -10.53 7.74 0.14
C LEU A 81 -9.56 7.18 1.23
N LEU A 82 -8.88 8.06 1.96
CA LEU A 82 -7.95 7.60 3.04
C LEU A 82 -8.69 6.82 4.13
N LYS A 83 -9.82 7.36 4.51
CA LYS A 83 -10.71 6.78 5.50
C LYS A 83 -11.23 5.44 5.01
N GLU A 84 -11.73 5.37 3.78
CA GLU A 84 -12.23 4.14 3.24
C GLU A 84 -11.18 3.07 3.27
N GLN A 85 -9.91 3.44 2.96
CA GLN A 85 -8.81 2.46 2.74
C GLN A 85 -8.02 2.26 4.02
N GLY A 86 -8.50 2.81 5.10
CA GLY A 86 -8.00 2.40 6.41
C GLY A 86 -6.76 3.16 6.82
N HIS A 87 -6.58 4.38 6.28
CA HIS A 87 -5.52 5.28 6.73
C HIS A 87 -6.11 6.35 7.62
N ASP A 88 -5.87 6.30 8.93
CA ASP A 88 -6.43 7.34 9.81
C ASP A 88 -5.26 8.19 10.24
N LEU A 89 -4.98 9.18 9.39
CA LEU A 89 -3.79 10.00 9.56
C LEU A 89 -4.15 11.25 10.30
N ALA A 90 -3.38 11.54 11.33
CA ALA A 90 -3.63 12.73 12.09
C ALA A 90 -3.45 14.04 11.26
N ASP A 91 -2.45 14.01 10.39
CA ASP A 91 -2.07 15.18 9.58
C ASP A 91 -1.15 14.67 8.49
N TYR A 92 -0.98 15.42 7.45
CA TYR A 92 -0.17 14.92 6.30
C TYR A 92 0.07 16.08 5.34
N ILE A 93 1.21 16.01 4.68
CA ILE A 93 1.40 16.73 3.44
C ILE A 93 0.68 15.91 2.38
N PHE A 94 -0.04 16.55 1.46
CA PHE A 94 -0.30 15.80 0.21
C PHE A 94 0.26 16.57 -0.97
N ALA A 95 0.82 15.79 -1.85
CA ALA A 95 1.43 16.24 -3.08
C ALA A 95 0.60 15.76 -4.22
N ASN A 96 0.03 16.71 -4.95
CA ASN A 96 -0.78 16.40 -6.10
C ASN A 96 0.01 16.56 -7.41
N VAL A 97 0.46 15.40 -7.95
CA VAL A 97 1.40 15.36 -9.03
C VAL A 97 0.64 15.15 -10.31
N GLY A 98 0.21 16.25 -10.82
CA GLY A 98 -0.54 16.29 -12.07
C GLY A 98 0.28 16.78 -13.26
N THR A 99 -0.36 17.52 -14.17
CA THR A 99 0.34 18.17 -15.21
C THR A 99 1.51 18.96 -14.56
N GLY A 100 1.20 19.61 -13.42
CA GLY A 100 2.15 20.22 -12.55
C GLY A 100 1.91 19.72 -11.12
N THR A 101 2.77 20.13 -10.19
CA THR A 101 2.73 19.68 -8.82
C THR A 101 2.37 20.76 -7.78
N SER A 102 1.36 20.48 -6.97
CA SER A 102 0.87 21.34 -5.94
C SER A 102 0.95 20.61 -4.58
N LEU A 103 1.56 21.29 -3.58
CA LEU A 103 1.77 20.72 -2.28
C LEU A 103 0.86 21.37 -1.22
N HIS A 104 0.36 20.51 -0.33
CA HIS A 104 -0.65 20.95 0.66
C HIS A 104 -0.35 20.40 1.99
N TYR A 105 -0.67 21.17 3.04
CA TYR A 105 -0.53 20.67 4.40
C TYR A 105 -1.97 20.59 4.94
N PHE A 106 -2.35 19.35 5.26
CA PHE A 106 -3.63 18.95 5.89
C PHE A 106 -3.42 18.77 7.39
N ASP A 107 -4.00 19.69 8.17
CA ASP A 107 -3.70 19.71 9.60
C ASP A 107 -4.59 18.80 10.43
N GLY A 108 -5.31 17.91 9.79
CA GLY A 108 -6.26 16.98 10.47
C GLY A 108 -7.70 17.36 10.16
N GLN A 109 -7.91 18.62 9.83
CA GLN A 109 -9.17 19.13 9.50
C GLN A 109 -9.23 19.83 8.15
N SER A 110 -8.25 20.65 7.77
CA SER A 110 -8.40 21.35 6.48
C SER A 110 -7.05 21.65 5.86
N GLN A 111 -7.05 21.95 4.58
CA GLN A 111 -5.76 22.06 3.82
C GLN A 111 -5.35 23.49 3.63
N ARG A 112 -4.04 23.69 3.49
CA ARG A 112 -3.46 24.96 3.09
C ARG A 112 -2.46 24.60 1.99
N ARG A 113 -2.39 25.36 0.89
CA ARG A 113 -1.33 25.13 -0.12
C ARG A 113 -0.03 25.76 0.43
N VAL A 114 1.04 24.95 0.49
CA VAL A 114 2.31 25.34 1.04
C VAL A 114 3.50 25.35 0.02
N GLY A 115 3.22 24.94 -1.21
CA GLY A 115 4.15 25.18 -2.33
C GLY A 115 3.66 24.52 -3.61
N GLY A 116 4.48 24.63 -4.64
CA GLY A 116 4.25 23.93 -5.89
C GLY A 116 5.47 24.08 -6.71
N ILE A 117 5.50 23.31 -7.77
CA ILE A 117 6.60 23.31 -8.66
C ILE A 117 6.12 22.77 -10.01
N GLY A 118 6.79 23.21 -11.07
CA GLY A 118 6.43 22.74 -12.40
C GLY A 118 6.95 21.40 -12.83
N THR A 119 7.74 20.70 -12.00
CA THR A 119 8.06 19.32 -12.24
C THR A 119 6.92 18.34 -11.80
N GLY A 120 6.40 17.66 -12.81
CA GLY A 120 5.28 16.77 -12.68
C GLY A 120 5.11 16.00 -13.96
N GLY A 121 3.91 15.53 -14.20
CA GLY A 121 3.65 14.68 -15.37
C GLY A 121 3.74 15.38 -16.72
N GLY A 122 3.47 16.68 -16.75
CA GLY A 122 3.57 17.44 -18.00
C GLY A 122 5.03 17.54 -18.40
N MET A 123 5.93 17.55 -17.40
CA MET A 123 7.28 17.60 -17.72
C MET A 123 7.72 16.22 -18.23
N ILE A 124 7.25 15.16 -17.59
CA ILE A 124 7.56 13.80 -18.03
C ILE A 124 7.18 13.63 -19.46
N GLN A 125 5.96 14.05 -19.81
CA GLN A 125 5.53 13.99 -21.23
C GLN A 125 6.30 14.92 -22.21
N GLY A 126 6.56 16.16 -21.83
CA GLY A 126 7.11 17.14 -22.74
C GLY A 126 8.59 16.93 -22.96
N LEU A 127 9.33 16.83 -21.85
CA LEU A 127 10.77 16.64 -21.91
C LEU A 127 11.06 15.29 -22.48
N GLY A 128 10.20 14.37 -22.13
CA GLY A 128 10.23 13.02 -22.68
C GLY A 128 10.06 13.00 -24.16
N TYR A 129 9.17 13.78 -24.66
CA TYR A 129 9.06 13.89 -26.08
C TYR A 129 10.30 14.50 -26.71
N LEU A 130 10.81 15.62 -26.17
CA LEU A 130 12.00 16.23 -26.77
C LEU A 130 13.13 15.26 -26.79
N LEU A 131 13.17 14.34 -25.84
CA LEU A 131 14.29 13.44 -25.76
C LEU A 131 14.10 12.05 -26.45
N SER A 132 12.90 11.74 -26.90
CA SER A 132 12.60 10.38 -27.46
C SER A 132 11.73 10.39 -28.71
N GLN A 133 11.11 11.55 -28.98
CA GLN A 133 10.07 11.76 -29.97
C GLN A 133 8.87 10.84 -29.74
N ILE A 134 8.71 10.31 -28.55
CA ILE A 134 7.50 9.55 -28.25
C ILE A 134 6.39 10.44 -27.73
N THR A 135 5.21 10.38 -28.35
CA THR A 135 4.08 11.17 -27.87
C THR A 135 3.07 10.37 -27.06
N ASP A 136 3.02 9.05 -27.32
CA ASP A 136 2.09 8.09 -26.68
C ASP A 136 2.44 7.85 -25.26
N TYR A 137 1.61 8.30 -24.32
CA TYR A 137 1.99 8.13 -22.89
C TYR A 137 2.32 6.69 -22.42
N LYS A 138 1.49 5.69 -22.76
CA LYS A 138 1.77 4.28 -22.38
C LYS A 138 3.17 3.87 -22.94
N GLN A 139 3.37 4.18 -24.21
CA GLN A 139 4.67 3.95 -24.88
C GLN A 139 5.87 4.58 -24.16
N LEU A 140 5.74 5.84 -23.81
CA LEU A 140 6.75 6.57 -23.12
C LEU A 140 7.09 6.01 -21.75
N THR A 141 6.08 5.83 -20.92
CA THR A 141 6.29 5.29 -19.62
C THR A 141 6.76 3.82 -19.67
N ASP A 142 6.23 3.01 -20.58
CA ASP A 142 6.71 1.61 -20.62
C ASP A 142 8.22 1.59 -20.88
N MET A 143 8.65 2.35 -21.86
CA MET A 143 10.04 2.42 -22.23
C MET A 143 10.95 2.89 -21.12
N ALA A 144 10.47 3.85 -20.36
CA ALA A 144 11.22 4.39 -19.23
C ALA A 144 11.52 3.36 -18.18
N GLN A 145 10.63 2.38 -18.04
CA GLN A 145 10.86 1.37 -17.05
C GLN A 145 12.11 0.52 -17.40
N HIS A 146 12.47 0.44 -18.67
CA HIS A 146 13.63 -0.34 -19.10
C HIS A 146 14.96 0.42 -19.00
N GLY A 147 14.93 1.66 -18.54
CA GLY A 147 16.10 2.47 -18.44
C GLY A 147 16.97 2.39 -17.21
N ASP A 148 18.24 2.79 -17.40
CA ASP A 148 19.26 2.82 -16.35
C ASP A 148 19.76 4.26 -16.31
N ARG A 149 19.83 4.83 -15.12
CA ARG A 149 20.21 6.23 -15.00
C ARG A 149 21.71 6.43 -14.79
N ASN A 150 22.46 5.33 -14.67
CA ASN A 150 23.82 5.42 -14.13
C ASN A 150 24.82 6.24 -14.99
N THR A 151 24.70 6.25 -16.30
CA THR A 151 25.59 7.06 -17.11
C THR A 151 25.10 8.52 -17.31
N ILE A 152 23.96 8.81 -16.69
CA ILE A 152 23.32 10.13 -16.82
C ILE A 152 23.43 10.89 -15.52
N ASP A 153 23.14 10.26 -14.39
CA ASP A 153 23.11 10.95 -13.12
C ASP A 153 24.39 10.81 -12.36
N LEU A 154 24.75 11.89 -11.65
CA LEU A 154 25.93 11.91 -10.82
C LEU A 154 25.54 11.78 -9.39
N LYS A 155 26.23 10.92 -8.67
CA LYS A 155 26.02 10.66 -7.26
C LYS A 155 27.02 11.37 -6.37
N VAL A 156 26.70 11.49 -5.10
CA VAL A 156 27.58 12.13 -4.15
C VAL A 156 28.96 11.47 -4.13
N ARG A 157 29.00 10.15 -4.16
CA ARG A 157 30.26 9.41 -4.20
C ARG A 157 31.13 9.67 -5.44
N HIS A 158 30.56 10.10 -6.56
CA HIS A 158 31.33 10.38 -7.74
C HIS A 158 32.10 11.68 -7.56
N ILE A 159 31.56 12.54 -6.72
CA ILE A 159 32.13 13.83 -6.43
C ILE A 159 33.14 13.76 -5.30
N TYR A 160 32.83 13.01 -4.27
CA TYR A 160 33.73 12.84 -3.13
C TYR A 160 34.73 11.71 -3.35
N LYS A 161 34.60 10.97 -4.41
CA LYS A 161 35.46 9.86 -4.77
C LYS A 161 35.82 8.89 -3.64
N ASP A 162 37.07 8.87 -3.26
CA ASP A 162 37.53 7.98 -2.22
C ASP A 162 37.62 8.62 -0.87
N THR A 163 36.93 9.71 -0.67
CA THR A 163 36.92 10.35 0.63
C THR A 163 35.51 10.23 1.23
N GLU A 164 35.42 10.49 2.51
CA GLU A 164 34.18 10.43 3.23
C GLU A 164 33.27 11.60 2.81
N PRO A 165 32.12 11.28 2.22
CA PRO A 165 31.22 12.42 1.89
C PRO A 165 30.48 12.97 3.12
N PRO A 166 29.95 14.19 3.02
CA PRO A 166 29.17 14.86 4.10
C PRO A 166 27.69 14.49 4.20
N ILE A 167 27.23 13.80 3.21
CA ILE A 167 25.91 13.21 3.18
C ILE A 167 26.11 11.89 2.50
N PRO A 168 25.15 11.00 2.54
CA PRO A 168 25.45 9.66 2.04
C PRO A 168 25.81 9.55 0.54
N GLY A 169 26.85 8.75 0.24
CA GLY A 169 27.43 8.65 -1.12
C GLY A 169 26.51 8.24 -2.28
N ASP A 170 25.45 7.49 -2.00
CA ASP A 170 24.63 6.90 -3.06
C ASP A 170 23.53 7.90 -3.52
N LEU A 171 23.37 8.98 -2.78
CA LEU A 171 22.38 10.04 -3.16
C LEU A 171 22.77 10.69 -4.45
N THR A 172 21.76 11.05 -5.26
CA THR A 172 21.99 11.84 -6.44
C THR A 172 22.52 13.20 -6.04
N ALA A 173 23.66 13.56 -6.63
CA ALA A 173 24.23 14.89 -6.43
C ALA A 173 23.79 15.89 -7.51
N ALA A 174 23.72 15.40 -8.72
CA ALA A 174 23.44 16.19 -9.90
C ALA A 174 22.67 15.40 -10.93
N ASN A 175 21.39 15.68 -11.08
CA ASN A 175 20.71 14.99 -12.14
C ASN A 175 21.28 15.35 -13.50
N PHE A 176 21.48 14.38 -14.39
CA PHE A 176 22.14 14.61 -15.73
C PHE A 176 23.57 15.06 -15.59
N GLY A 177 24.17 14.99 -14.39
CA GLY A 177 25.51 15.45 -14.17
C GLY A 177 26.62 14.51 -14.56
N HIS A 178 26.30 13.32 -15.07
CA HIS A 178 27.29 12.38 -15.54
C HIS A 178 27.34 12.34 -17.03
N VAL A 179 26.43 13.08 -17.69
CA VAL A 179 26.33 13.04 -19.12
C VAL A 179 27.64 13.43 -19.78
N LEU A 180 28.29 14.50 -19.31
CA LEU A 180 29.50 15.00 -19.97
C LEU A 180 30.70 14.05 -19.81
N HIS A 181 30.57 13.10 -18.89
CA HIS A 181 31.54 12.03 -18.65
C HIS A 181 31.31 10.76 -19.45
N HIS A 182 30.25 10.70 -20.25
CA HIS A 182 29.85 9.50 -20.98
C HIS A 182 29.53 9.86 -22.38
N LEU A 183 30.18 10.88 -22.89
CA LEU A 183 29.91 11.29 -24.26
C LEU A 183 30.31 10.23 -25.24
N ASP A 184 31.00 9.20 -24.74
CA ASP A 184 31.25 8.02 -25.55
C ASP A 184 29.88 7.32 -25.69
N ALA A 185 29.05 7.39 -24.65
CA ALA A 185 27.72 6.92 -24.75
C ALA A 185 26.92 7.65 -25.83
N ASP A 186 25.96 6.87 -26.17
CA ASP A 186 24.95 7.03 -27.12
C ASP A 186 23.73 7.70 -26.49
N PHE A 187 23.44 7.36 -25.26
CA PHE A 187 22.27 7.80 -24.48
C PHE A 187 20.97 7.31 -25.11
N THR A 188 20.59 6.16 -24.65
CA THR A 188 19.40 5.48 -25.14
C THR A 188 18.11 6.17 -24.77
N PRO A 189 17.09 6.11 -25.62
CA PRO A 189 15.81 6.71 -25.23
C PRO A 189 15.28 6.20 -23.90
N SER A 190 15.52 4.93 -23.57
CA SER A 190 15.03 4.40 -22.29
C SER A 190 15.76 4.99 -21.08
N ASN A 191 17.09 5.08 -21.19
CA ASN A 191 17.93 5.64 -20.17
C ASN A 191 17.61 7.16 -20.01
N LYS A 192 17.36 7.87 -21.10
CA LYS A 192 17.09 9.31 -21.01
C LYS A 192 15.76 9.47 -20.30
N LEU A 193 14.74 8.67 -20.69
CA LEU A 193 13.41 8.76 -20.08
C LEU A 193 13.44 8.43 -18.56
N ALA A 194 14.23 7.45 -18.19
CA ALA A 194 14.31 7.09 -16.82
C ALA A 194 14.89 8.27 -15.98
N ALA A 195 15.86 8.95 -16.54
CA ALA A 195 16.48 10.14 -15.87
C ALA A 195 15.50 11.30 -15.73
N VAL A 196 14.62 11.48 -16.69
CA VAL A 196 13.57 12.56 -16.61
C VAL A 196 12.60 12.23 -15.48
N ILE A 197 12.13 10.97 -15.42
CA ILE A 197 11.27 10.57 -14.29
C ILE A 197 11.97 10.68 -12.99
N GLY A 198 13.25 10.35 -13.02
CA GLY A 198 14.15 10.43 -11.84
C GLY A 198 14.21 11.87 -11.25
N VAL A 199 14.52 12.83 -12.11
CA VAL A 199 14.53 14.21 -11.64
C VAL A 199 13.17 14.68 -11.14
N VAL A 200 12.10 14.44 -11.88
CA VAL A 200 10.75 14.82 -11.42
C VAL A 200 10.43 14.22 -10.03
N GLY A 201 10.64 12.91 -9.86
CA GLY A 201 10.42 12.27 -8.61
C GLY A 201 11.19 12.81 -7.46
N GLU A 202 12.48 13.07 -7.72
CA GLU A 202 13.38 13.58 -6.68
C GLU A 202 13.01 14.98 -6.25
N VAL A 203 12.64 15.83 -7.20
CA VAL A 203 12.30 17.18 -6.87
C VAL A 203 10.96 17.24 -6.06
N VAL A 204 9.96 16.51 -6.53
CA VAL A 204 8.69 16.43 -5.84
C VAL A 204 8.91 15.95 -4.41
N THR A 205 9.68 14.89 -4.30
CA THR A 205 9.91 14.31 -2.96
C THR A 205 10.65 15.25 -2.05
N THR A 206 11.74 15.85 -2.54
CA THR A 206 12.46 16.85 -1.79
C THR A 206 11.59 17.96 -1.26
N MET A 207 10.77 18.55 -2.12
CA MET A 207 9.87 19.57 -1.70
C MET A 207 8.89 19.01 -0.62
N ALA A 208 8.33 17.80 -0.85
CA ALA A 208 7.34 17.21 0.06
C ALA A 208 7.95 16.99 1.47
N ILE A 209 9.15 16.43 1.52
CA ILE A 209 9.83 16.22 2.82
C ILE A 209 10.20 17.52 3.51
N THR A 210 10.50 18.57 2.72
CA THR A 210 10.85 19.82 3.30
C THR A 210 9.66 20.43 3.99
N VAL A 211 8.54 20.52 3.26
CA VAL A 211 7.36 21.07 3.89
C VAL A 211 6.81 20.17 5.01
N ALA A 212 7.05 18.87 4.97
CA ALA A 212 6.60 17.96 6.02
C ALA A 212 7.31 18.33 7.30
N ARG A 213 8.61 18.55 7.19
CA ARG A 213 9.42 19.09 8.29
C ARG A 213 8.95 20.43 8.79
N GLU A 214 8.62 21.34 7.89
CA GLU A 214 8.26 22.61 8.29
C GLU A 214 6.94 22.54 9.05
N PHE A 215 5.96 21.72 8.62
CA PHE A 215 4.63 21.74 9.23
C PHE A 215 4.51 20.59 10.24
N LYS A 216 5.66 20.03 10.63
CA LYS A 216 5.75 19.01 11.63
C LYS A 216 4.80 17.85 11.42
N THR A 217 4.87 17.23 10.24
CA THR A 217 4.24 15.96 9.99
C THR A 217 5.17 14.97 9.40
N GLU A 218 4.95 13.68 9.70
CA GLU A 218 5.80 12.69 9.13
C GLU A 218 5.12 11.98 7.98
N ASN A 219 3.89 12.38 7.66
CA ASN A 219 3.16 11.65 6.65
C ASN A 219 3.07 12.41 5.34
N ILE A 220 3.33 11.72 4.23
CA ILE A 220 3.21 12.33 2.91
C ILE A 220 2.36 11.47 2.04
N VAL A 221 1.26 12.07 1.58
CA VAL A 221 0.36 11.35 0.68
C VAL A 221 0.54 11.87 -0.75
N TYR A 222 0.81 10.97 -1.67
CA TYR A 222 1.03 11.29 -3.08
C TYR A 222 -0.17 10.86 -3.92
N ILE A 223 -0.75 11.81 -4.63
CA ILE A 223 -1.84 11.57 -5.57
C ILE A 223 -1.53 12.18 -6.93
N GLY A 224 -2.42 11.96 -7.92
CA GLY A 224 -2.29 12.48 -9.27
C GLY A 224 -2.11 11.39 -10.29
N SER A 225 -2.51 11.64 -11.51
CA SER A 225 -2.44 10.65 -12.49
C SER A 225 -1.01 10.27 -12.92
N SER A 226 -0.02 11.08 -12.57
CA SER A 226 1.33 10.86 -13.03
C SER A 226 1.84 9.52 -12.52
N PHE A 227 1.22 8.91 -11.52
CA PHE A 227 1.71 7.62 -11.00
C PHE A 227 1.18 6.44 -11.81
N HIS A 228 0.20 6.70 -12.67
CA HIS A 228 -0.42 5.64 -13.43
C HIS A 228 0.52 5.10 -14.48
N ASN A 229 0.67 3.79 -14.50
CA ASN A 229 1.56 3.12 -15.51
C ASN A 229 3.01 3.63 -15.36
N ASN A 230 3.36 4.14 -14.18
CA ASN A 230 4.73 4.60 -13.94
C ASN A 230 5.29 4.10 -12.61
N ALA A 231 5.64 2.83 -12.60
CA ALA A 231 6.14 2.24 -11.41
C ALA A 231 7.49 2.85 -11.04
N LEU A 232 8.29 3.22 -12.05
CA LEU A 232 9.56 3.91 -11.72
C LEU A 232 9.34 5.18 -10.91
N LEU A 233 8.39 6.01 -11.32
CA LEU A 233 8.12 7.24 -10.51
C LEU A 233 7.68 6.92 -9.08
N ARG A 234 6.84 5.91 -8.94
CA ARG A 234 6.30 5.51 -7.65
C ARG A 234 7.46 5.10 -6.81
N LYS A 235 8.38 4.39 -7.45
CA LYS A 235 9.51 3.84 -6.69
C LYS A 235 10.51 4.94 -6.28
N VAL A 236 10.84 5.83 -7.19
CA VAL A 236 11.72 6.95 -6.86
C VAL A 236 11.17 7.71 -5.65
N VAL A 237 9.86 8.05 -5.67
CA VAL A 237 9.28 8.86 -4.68
C VAL A 237 9.22 8.10 -3.34
N GLU A 238 8.74 6.87 -3.38
CA GLU A 238 8.63 6.05 -2.18
C GLU A 238 9.98 5.84 -1.47
N ASP A 239 11.00 5.48 -2.25
CA ASP A 239 12.30 5.20 -1.64
C ASP A 239 12.86 6.41 -0.96
N TYR A 240 12.79 7.57 -1.61
CA TYR A 240 13.44 8.74 -1.10
C TYR A 240 12.68 9.32 0.10
N THR A 241 11.37 9.19 0.11
CA THR A 241 10.55 9.59 1.24
C THR A 241 10.92 8.82 2.50
N VAL A 242 11.06 7.51 2.32
CA VAL A 242 11.45 6.59 3.44
C VAL A 242 12.85 6.94 3.90
N LEU A 243 13.77 7.17 2.96
CA LEU A 243 15.15 7.51 3.28
C LEU A 243 15.24 8.78 4.16
N ARG A 244 14.40 9.79 3.92
CA ARG A 244 14.44 10.98 4.76
C ARG A 244 13.52 10.92 5.96
N GLY A 245 13.07 9.73 6.34
CA GLY A 245 12.39 9.56 7.61
C GLY A 245 10.91 9.90 7.58
N CYS A 246 10.30 9.87 6.39
CA CYS A 246 8.85 10.10 6.29
C CYS A 246 8.17 8.85 5.84
N LYS A 247 6.84 8.87 5.92
CA LYS A 247 6.01 7.75 5.48
C LYS A 247 5.21 8.10 4.21
N PRO A 248 5.54 7.49 3.09
CA PRO A 248 4.74 7.75 1.89
C PRO A 248 3.50 6.87 1.83
N TYR A 249 2.42 7.45 1.27
CA TYR A 249 1.19 6.73 1.05
C TYR A 249 0.70 7.06 -0.34
N TYR A 250 0.34 6.02 -1.08
CA TYR A 250 -0.50 6.09 -2.27
C TYR A 250 -1.94 5.58 -1.97
N VAL A 251 -2.90 6.00 -2.77
CA VAL A 251 -4.27 5.74 -2.46
C VAL A 251 -4.96 5.22 -3.72
N GLU A 252 -5.72 4.14 -3.58
CA GLU A 252 -6.49 3.62 -4.66
C GLU A 252 -7.44 4.76 -5.13
N ASN A 253 -7.44 4.98 -6.42
CA ASN A 253 -8.16 6.04 -7.06
C ASN A 253 -7.78 7.46 -6.56
N GLY A 254 -6.59 7.63 -5.98
CA GLY A 254 -6.09 8.95 -5.63
C GLY A 254 -6.18 10.01 -6.71
N ALA A 255 -6.02 9.64 -7.99
CA ALA A 255 -6.13 10.61 -9.08
C ALA A 255 -7.50 11.24 -9.24
N PHE A 256 -8.52 10.65 -8.62
CA PHE A 256 -9.89 11.14 -8.64
C PHE A 256 -10.28 11.86 -7.34
N SER A 257 -9.31 12.22 -6.47
CA SER A 257 -9.58 12.91 -5.25
C SER A 257 -10.41 14.17 -5.48
N GLY A 258 -10.03 14.97 -6.43
CA GLY A 258 -10.77 16.19 -6.76
C GLY A 258 -12.19 15.97 -7.28
N ALA A 259 -12.35 14.95 -8.12
CA ALA A 259 -13.68 14.60 -8.72
C ALA A 259 -14.62 14.16 -7.65
N ILE A 260 -14.15 13.34 -6.69
CA ILE A 260 -14.94 12.88 -5.55
C ILE A 260 -15.23 13.96 -4.63
N GLY A 261 -14.20 14.73 -4.35
CA GLY A 261 -14.30 15.83 -3.46
C GLY A 261 -15.38 16.80 -3.90
N ALA A 262 -15.40 17.14 -5.17
CA ALA A 262 -16.42 18.04 -5.72
C ALA A 262 -17.82 17.59 -5.34
N LEU A 263 -18.05 16.29 -5.36
CA LEU A 263 -19.38 15.76 -5.02
C LEU A 263 -19.79 15.93 -3.61
N TYR A 264 -18.81 15.94 -2.73
CA TYR A 264 -19.02 16.06 -1.32
C TYR A 264 -18.73 17.39 -0.71
N LEU A 265 -18.38 18.38 -1.51
CA LEU A 265 -18.44 19.74 -1.05
C LEU A 265 -19.88 20.24 -1.24
N GLU A 266 -20.59 19.69 -2.22
CA GLU A 266 -22.02 19.95 -2.41
C GLU A 266 -22.84 19.20 -1.37
N MET B 1 53.16 32.92 1.04
CA MET B 1 51.93 32.58 0.28
C MET B 1 51.11 31.40 0.80
N LYS B 2 49.82 31.68 0.87
CA LYS B 2 48.83 30.76 1.40
C LYS B 2 47.78 30.52 0.34
N VAL B 3 47.32 29.26 0.27
CA VAL B 3 46.49 28.77 -0.85
C VAL B 3 45.29 28.06 -0.22
N GLY B 4 44.09 28.43 -0.68
CA GLY B 4 42.88 27.72 -0.33
C GLY B 4 42.32 27.23 -1.63
N ILE B 5 41.90 25.96 -1.64
CA ILE B 5 41.40 25.32 -2.87
C ILE B 5 40.09 24.63 -2.55
N ASP B 6 39.08 24.96 -3.36
CA ASP B 6 37.79 24.26 -3.31
C ASP B 6 37.74 23.41 -4.56
N ALA B 7 37.87 22.10 -4.39
CA ALA B 7 38.01 21.24 -5.53
C ALA B 7 36.71 20.48 -5.67
N GLY B 8 35.80 21.00 -6.51
CA GLY B 8 34.46 20.41 -6.64
C GLY B 8 34.27 19.43 -7.75
N GLY B 9 33.02 19.12 -8.05
CA GLY B 9 32.77 18.16 -9.10
C GLY B 9 33.07 18.63 -10.53
N THR B 10 33.00 19.93 -10.79
CA THR B 10 33.29 20.44 -12.13
C THR B 10 34.44 21.38 -12.17
N LEU B 11 34.54 22.27 -11.19
CA LEU B 11 35.56 23.24 -11.19
C LEU B 11 36.37 23.22 -9.87
N ILE B 12 37.64 23.58 -10.03
CA ILE B 12 38.54 23.78 -8.90
C ILE B 12 38.82 25.29 -8.76
N LYS B 13 38.41 25.84 -7.63
CA LYS B 13 38.58 27.25 -7.30
C LYS B 13 39.77 27.40 -6.37
N ILE B 14 40.67 28.28 -6.79
CA ILE B 14 41.93 28.54 -6.14
C ILE B 14 42.00 29.98 -5.70
N VAL B 15 42.24 30.16 -4.42
CA VAL B 15 42.58 31.48 -3.90
C VAL B 15 44.03 31.49 -3.42
N GLN B 16 44.82 32.40 -3.96
CA GLN B 16 46.17 32.70 -3.43
C GLN B 16 46.21 34.03 -2.67
N GLU B 17 46.87 33.99 -1.50
CA GLU B 17 46.94 35.12 -0.59
C GLU B 17 48.42 35.37 -0.23
N GLN B 18 48.73 36.64 -0.10
CA GLN B 18 50.10 37.06 0.22
C GLN B 18 50.09 38.21 1.25
N ASP B 19 50.23 39.45 0.79
CA ASP B 19 50.22 40.64 1.66
C ASP B 19 48.79 41.00 1.97
N ASN B 20 48.10 40.12 2.69
CA ASN B 20 46.67 40.24 2.94
C ASN B 20 45.79 40.24 1.67
N GLN B 21 46.42 40.15 0.48
CA GLN B 21 45.74 40.40 -0.82
C GLN B 21 45.64 39.13 -1.79
N ARG B 22 44.48 39.02 -2.43
CA ARG B 22 44.05 37.74 -2.99
C ARG B 22 43.99 37.74 -4.47
N THR B 23 44.26 36.57 -5.02
CA THR B 23 44.20 36.29 -6.44
C THR B 23 43.24 35.07 -6.51
N PHE B 24 42.39 35.04 -7.54
CA PHE B 24 41.36 34.01 -7.76
C PHE B 24 41.65 33.36 -9.10
N LYS B 25 41.54 32.04 -9.15
CA LYS B 25 41.82 31.29 -10.34
C LYS B 25 40.92 30.06 -10.36
N THR B 26 40.40 29.72 -11.53
CA THR B 26 39.73 28.39 -11.69
C THR B 26 40.36 27.49 -12.76
N GLU B 27 40.15 26.20 -12.60
CA GLU B 27 40.69 25.20 -13.47
C GLU B 27 39.59 24.20 -13.53
N LEU B 28 39.50 23.45 -14.61
CA LEU B 28 38.51 22.41 -14.68
C LEU B 28 38.91 21.22 -13.77
N THR B 29 37.97 20.62 -13.09
CA THR B 29 38.24 19.41 -12.35
C THR B 29 38.85 18.32 -13.26
N LYS B 30 38.40 18.24 -14.51
CA LYS B 30 39.05 17.30 -15.46
C LYS B 30 40.58 17.48 -15.68
N ASN B 31 41.08 18.69 -15.43
CA ASN B 31 42.50 19.04 -15.52
C ASN B 31 43.16 19.11 -14.10
N ILE B 32 42.63 18.34 -13.17
CA ILE B 32 43.13 18.34 -11.79
C ILE B 32 44.65 18.05 -11.75
N ASP B 33 45.13 17.21 -12.67
CA ASP B 33 46.58 16.89 -12.74
C ASP B 33 47.42 18.11 -12.90
N GLN B 34 46.93 19.10 -13.66
CA GLN B 34 47.63 20.34 -13.80
C GLN B 34 47.66 21.17 -12.54
N VAL B 35 46.60 21.06 -11.73
CA VAL B 35 46.59 21.79 -10.43
C VAL B 35 47.62 21.14 -9.52
N VAL B 36 47.63 19.82 -9.52
CA VAL B 36 48.61 19.09 -8.69
C VAL B 36 50.03 19.49 -9.11
N GLU B 37 50.29 19.47 -10.40
CA GLU B 37 51.62 19.90 -10.94
C GLU B 37 52.01 21.31 -10.48
N TRP B 38 51.07 22.26 -10.55
CA TRP B 38 51.28 23.61 -10.08
C TRP B 38 51.59 23.67 -8.57
N LEU B 39 50.90 22.90 -7.74
CA LEU B 39 51.11 22.97 -6.30
C LEU B 39 52.48 22.41 -5.90
N ASN B 40 52.87 21.32 -6.59
CA ASN B 40 54.10 20.56 -6.24
C ASN B 40 55.38 21.38 -6.45
N GLN B 41 55.32 22.34 -7.38
CA GLN B 41 56.45 23.20 -7.65
C GLN B 41 56.53 24.44 -6.76
N GLN B 42 55.49 24.71 -5.97
CA GLN B 42 55.39 25.97 -5.23
C GLN B 42 55.88 25.81 -3.82
N GLN B 43 56.55 26.82 -3.29
CA GLN B 43 56.74 26.87 -1.85
C GLN B 43 55.51 27.53 -1.29
N ILE B 44 54.82 26.78 -0.43
CA ILE B 44 53.54 27.20 0.16
C ILE B 44 53.62 27.16 1.67
N GLU B 45 53.34 28.29 2.27
CA GLU B 45 53.27 28.37 3.70
C GLU B 45 52.11 27.62 4.32
N LYS B 46 50.92 27.76 3.73
CA LYS B 46 49.70 27.16 4.31
C LYS B 46 48.83 26.76 3.14
N LEU B 47 48.53 25.46 3.05
CA LEU B 47 47.67 24.91 2.02
C LEU B 47 46.42 24.29 2.64
N CYS B 48 45.25 24.83 2.28
CA CYS B 48 43.99 24.33 2.84
C CYS B 48 43.04 23.95 1.74
N LEU B 49 42.42 22.81 1.91
CA LEU B 49 41.66 22.20 0.86
C LEU B 49 40.23 21.92 1.34
N THR B 50 39.26 22.03 0.41
CA THR B 50 37.91 21.55 0.68
C THR B 50 37.28 21.07 -0.61
N GLY B 51 36.11 20.47 -0.46
CA GLY B 51 35.35 20.00 -1.58
C GLY B 51 35.58 18.52 -1.85
N GLY B 52 34.74 17.99 -2.70
CA GLY B 52 34.79 16.58 -3.10
C GLY B 52 36.12 15.97 -3.57
N ASN B 53 36.88 16.70 -4.36
CA ASN B 53 38.10 16.22 -4.95
C ASN B 53 39.32 16.70 -4.16
N ALA B 54 39.12 17.11 -2.93
CA ALA B 54 40.24 17.52 -2.09
C ALA B 54 41.13 16.33 -1.82
N GLY B 55 40.50 15.18 -1.62
CA GLY B 55 41.22 13.89 -1.49
C GLY B 55 42.18 13.59 -2.60
N VAL B 56 41.72 13.78 -3.84
CA VAL B 56 42.50 13.46 -5.02
C VAL B 56 43.70 14.39 -5.08
N ILE B 57 43.51 15.68 -4.76
CA ILE B 57 44.61 16.62 -4.66
C ILE B 57 45.64 16.17 -3.59
N ALA B 58 45.09 16.01 -2.38
CA ALA B 58 45.89 15.66 -1.22
C ALA B 58 46.70 14.36 -1.42
N GLU B 59 46.12 13.35 -2.07
CA GLU B 59 46.90 12.12 -2.31
C GLU B 59 47.92 12.17 -3.49
N ASN B 60 47.96 13.26 -4.28
CA ASN B 60 48.86 13.37 -5.39
C ASN B 60 49.89 14.47 -5.24
N ILE B 61 49.75 15.30 -4.22
CA ILE B 61 50.75 16.33 -4.01
C ILE B 61 51.83 15.78 -3.10
N ASN B 62 52.99 16.39 -3.20
CA ASN B 62 54.19 15.99 -2.39
C ASN B 62 54.50 16.97 -1.22
N ILE B 63 53.48 17.71 -0.80
CA ILE B 63 53.50 18.54 0.41
C ILE B 63 52.28 18.27 1.30
N PRO B 64 52.32 18.75 2.54
CA PRO B 64 51.15 18.59 3.37
C PRO B 64 50.03 19.60 2.99
N ALA B 65 48.82 19.23 3.41
CA ALA B 65 47.65 20.08 3.27
C ALA B 65 46.67 19.77 4.40
N GLN B 66 45.99 20.80 4.87
CA GLN B 66 44.93 20.63 5.82
C GLN B 66 43.58 20.63 5.07
N ILE B 67 42.71 19.66 5.39
CA ILE B 67 41.38 19.48 4.76
C ILE B 67 40.22 19.89 5.68
N PHE B 68 39.30 20.72 5.15
CA PHE B 68 38.12 21.22 5.88
C PHE B 68 36.81 20.80 5.20
N VAL B 69 35.72 20.72 5.96
CA VAL B 69 34.46 20.16 5.40
C VAL B 69 33.81 21.34 4.68
N GLU B 70 33.40 21.10 3.45
CA GLU B 70 32.90 22.17 2.59
C GLU B 70 31.76 23.06 3.07
N PHE B 71 30.82 22.49 3.79
CA PHE B 71 29.69 23.26 4.24
C PHE B 71 30.14 24.36 5.18
N ASP B 72 31.06 24.05 6.06
CA ASP B 72 31.58 25.02 6.99
C ASP B 72 32.47 26.05 6.30
N ALA B 73 33.35 25.60 5.43
CA ALA B 73 34.24 26.46 4.67
C ALA B 73 33.42 27.45 3.84
N ALA B 74 32.49 26.93 3.06
CA ALA B 74 31.57 27.84 2.24
C ALA B 74 30.92 28.91 3.13
N SER B 75 30.35 28.54 4.26
CA SER B 75 29.73 29.50 5.17
C SER B 75 30.71 30.55 5.65
N GLN B 76 31.92 30.13 6.01
CA GLN B 76 32.92 31.05 6.56
C GLN B 76 33.35 32.07 5.47
N GLY B 77 33.61 31.57 4.29
CA GLY B 77 34.07 32.41 3.23
C GLY B 77 32.98 33.35 2.78
N LEU B 78 31.73 32.87 2.82
CA LEU B 78 30.59 33.74 2.29
C LEU B 78 30.36 34.87 3.27
N GLY B 79 30.47 34.59 4.57
CA GLY B 79 30.43 35.63 5.58
C GLY B 79 31.50 36.67 5.41
N ILE B 80 32.72 36.29 5.03
CA ILE B 80 33.81 37.24 4.76
C ILE B 80 33.48 38.14 3.54
N LEU B 81 33.08 37.49 2.47
CA LEU B 81 32.71 38.25 1.25
C LEU B 81 31.55 39.21 1.47
N LEU B 82 30.49 38.75 2.12
CA LEU B 82 29.35 39.63 2.41
C LEU B 82 29.77 40.90 3.13
N LYS B 83 30.62 40.78 4.16
CA LYS B 83 31.07 41.99 4.87
C LYS B 83 32.00 42.90 4.06
N GLU B 84 32.85 42.30 3.26
CA GLU B 84 33.73 43.03 2.43
C GLU B 84 32.91 43.83 1.39
N GLN B 85 31.75 43.28 1.02
CA GLN B 85 30.85 43.91 0.02
C GLN B 85 29.73 44.69 0.65
N GLY B 86 29.89 45.08 1.92
CA GLY B 86 29.03 46.03 2.57
C GLY B 86 27.68 45.57 3.02
N HIS B 87 27.48 44.25 3.13
CA HIS B 87 26.23 43.70 3.63
C HIS B 87 26.34 43.43 5.11
N ASP B 88 25.25 43.62 5.83
CA ASP B 88 25.18 43.29 7.27
C ASP B 88 23.88 42.54 7.43
N LEU B 89 23.90 41.26 7.12
CA LEU B 89 22.69 40.49 7.16
C LEU B 89 22.72 39.74 8.48
N ALA B 90 21.67 39.82 9.25
CA ALA B 90 21.61 39.15 10.53
C ALA B 90 21.48 37.65 10.38
N ASP B 91 20.73 37.21 9.41
CA ASP B 91 20.55 35.81 9.08
C ASP B 91 20.13 35.66 7.62
N TYR B 92 20.32 34.47 7.09
CA TYR B 92 19.96 34.17 5.72
C TYR B 92 20.04 32.73 5.36
N ILE B 93 19.28 32.38 4.31
CA ILE B 93 19.51 31.17 3.58
C ILE B 93 20.64 31.43 2.61
N PHE B 94 21.53 30.45 2.46
CA PHE B 94 22.40 30.44 1.30
C PHE B 94 22.25 29.18 0.51
N ALA B 95 22.13 29.39 -0.80
CA ALA B 95 22.02 28.30 -1.78
C ALA B 95 23.26 28.27 -2.58
N ASN B 96 23.99 27.17 -2.42
CA ASN B 96 25.23 26.98 -3.16
C ASN B 96 24.95 26.11 -4.37
N VAL B 97 24.82 26.79 -5.52
CA VAL B 97 24.41 26.16 -6.76
C VAL B 97 25.62 25.82 -7.58
N GLY B 98 26.15 24.63 -7.27
CA GLY B 98 27.33 24.06 -7.97
C GLY B 98 26.95 23.02 -9.00
N THR B 99 27.72 21.93 -9.08
CA THR B 99 27.37 20.76 -9.90
C THR B 99 25.97 20.31 -9.55
N GLY B 100 25.72 20.30 -8.26
CA GLY B 100 24.41 20.20 -7.67
C GLY B 100 24.25 21.31 -6.66
N THR B 101 23.08 21.35 -6.03
CA THR B 101 22.64 22.39 -5.11
C THR B 101 22.46 21.93 -3.67
N SER B 102 23.11 22.71 -2.81
CA SER B 102 23.04 22.54 -1.34
C SER B 102 22.53 23.85 -0.70
N LEU B 103 21.55 23.70 0.23
CA LEU B 103 20.91 24.80 0.90
C LEU B 103 21.18 24.81 2.37
N HIS B 104 21.41 26.01 2.91
CA HIS B 104 21.89 26.23 4.30
C HIS B 104 21.16 27.39 4.93
N TYR B 105 20.89 27.29 6.21
CA TYR B 105 20.42 28.41 6.99
C TYR B 105 21.54 28.87 7.88
N PHE B 106 21.88 30.16 7.77
CA PHE B 106 22.86 30.84 8.54
C PHE B 106 22.15 31.75 9.56
N ASP B 107 22.26 31.40 10.85
CA ASP B 107 21.47 32.07 11.88
C ASP B 107 22.14 33.32 12.45
N GLY B 108 23.26 33.71 11.87
CA GLY B 108 24.04 34.85 12.39
C GLY B 108 25.31 34.36 13.03
N GLN B 109 25.31 33.10 13.46
CA GLN B 109 26.49 32.44 14.09
C GLN B 109 27.09 31.23 13.38
N SER B 110 26.25 30.32 12.89
CA SER B 110 26.73 29.13 12.25
C SER B 110 25.73 28.68 11.20
N GLN B 111 26.18 27.82 10.29
CA GLN B 111 25.28 27.27 9.26
C GLN B 111 24.75 25.91 9.64
N ARG B 112 23.51 25.66 9.23
CA ARG B 112 22.94 24.32 9.21
C ARG B 112 22.57 23.96 7.76
N ARG B 113 22.87 22.78 7.28
CA ARG B 113 22.30 22.29 6.06
C ARG B 113 20.80 21.98 6.23
N VAL B 114 19.96 22.52 5.35
CA VAL B 114 18.49 22.39 5.46
C VAL B 114 17.81 21.73 4.26
N GLY B 115 18.64 21.42 3.27
CA GLY B 115 18.29 20.50 2.20
C GLY B 115 19.30 20.56 1.05
N GLY B 116 18.94 19.86 0.00
CA GLY B 116 19.66 19.90 -1.27
C GLY B 116 18.84 19.29 -2.36
N ILE B 117 19.34 19.39 -3.57
CA ILE B 117 18.64 18.89 -4.74
C ILE B 117 19.66 18.77 -5.86
N GLY B 118 19.42 17.84 -6.75
CA GLY B 118 20.31 17.58 -7.89
C GLY B 118 20.15 18.50 -9.10
N THR B 119 19.32 19.54 -8.99
CA THR B 119 19.14 20.53 -10.04
C THR B 119 20.06 21.69 -9.82
N GLY B 120 21.06 21.84 -10.67
CA GLY B 120 22.00 22.88 -10.58
C GLY B 120 22.83 22.87 -11.85
N GLY B 121 24.10 23.29 -11.77
CA GLY B 121 24.97 23.47 -12.93
C GLY B 121 25.22 22.24 -13.75
N GLY B 122 25.40 21.09 -13.08
CA GLY B 122 25.59 19.84 -13.73
C GLY B 122 24.40 19.49 -14.62
N MET B 123 23.15 19.73 -14.16
CA MET B 123 22.00 19.51 -14.96
C MET B 123 21.92 20.44 -16.17
N ILE B 124 22.24 21.71 -15.99
CA ILE B 124 22.27 22.62 -17.10
C ILE B 124 23.22 22.09 -18.19
N GLN B 125 24.39 21.62 -17.82
CA GLN B 125 25.31 21.11 -18.86
C GLN B 125 24.89 19.77 -19.48
N GLY B 126 24.41 18.86 -18.66
CA GLY B 126 24.13 17.52 -19.13
C GLY B 126 22.85 17.42 -19.89
N LEU B 127 21.80 18.02 -19.34
CA LEU B 127 20.46 18.04 -20.02
C LEU B 127 20.62 18.98 -21.18
N GLY B 128 21.44 20.01 -20.98
CA GLY B 128 21.62 20.96 -22.07
C GLY B 128 22.29 20.30 -23.29
N TYR B 129 23.26 19.46 -23.03
CA TYR B 129 23.91 18.65 -24.05
C TYR B 129 22.92 17.73 -24.76
N LEU B 130 22.07 17.10 -24.00
CA LEU B 130 21.16 16.15 -24.56
C LEU B 130 20.19 16.81 -25.51
N LEU B 131 19.86 18.07 -25.25
CA LEU B 131 18.85 18.74 -26.09
C LEU B 131 19.46 19.55 -27.22
N SER B 132 20.76 19.75 -27.17
CA SER B 132 21.41 20.75 -28.07
C SER B 132 22.71 20.25 -28.74
N GLN B 133 23.31 19.20 -28.21
CA GLN B 133 24.60 18.66 -28.58
C GLN B 133 25.70 19.70 -28.52
N ILE B 134 25.60 20.66 -27.61
CA ILE B 134 26.68 21.59 -27.32
C ILE B 134 27.36 21.12 -26.04
N THR B 135 28.68 20.99 -26.08
CA THR B 135 29.45 20.68 -24.88
C THR B 135 30.21 21.91 -24.35
N ASP B 136 30.47 22.92 -25.18
CA ASP B 136 31.23 24.07 -24.75
C ASP B 136 30.33 24.92 -23.77
N TYR B 137 30.79 25.08 -22.54
CA TYR B 137 29.97 25.82 -21.50
C TYR B 137 29.57 27.19 -21.85
N LYS B 138 30.50 28.02 -22.35
CA LYS B 138 30.11 29.40 -22.69
C LYS B 138 29.25 29.38 -23.90
N GLN B 139 29.47 28.39 -24.79
CA GLN B 139 28.58 28.36 -25.94
C GLN B 139 27.13 27.93 -25.52
N LEU B 140 27.03 26.96 -24.64
CA LEU B 140 25.73 26.40 -24.24
C LEU B 140 24.92 27.50 -23.51
N THR B 141 25.58 28.20 -22.60
CA THR B 141 24.91 29.25 -21.81
C THR B 141 24.60 30.46 -22.64
N ASP B 142 25.50 30.87 -23.54
CA ASP B 142 25.17 31.97 -24.43
C ASP B 142 23.97 31.65 -25.28
N MET B 143 23.89 30.42 -25.81
CA MET B 143 22.76 29.98 -26.70
C MET B 143 21.40 30.16 -26.06
N ALA B 144 21.33 30.00 -24.74
CA ALA B 144 20.08 30.07 -23.99
C ALA B 144 19.57 31.45 -23.70
N GLN B 145 20.45 32.46 -23.77
CA GLN B 145 20.17 33.74 -23.19
C GLN B 145 18.97 34.43 -23.84
N HIS B 146 18.81 34.25 -25.15
CA HIS B 146 17.67 34.83 -25.85
C HIS B 146 16.66 33.86 -26.37
N GLY B 147 16.72 32.66 -25.85
CA GLY B 147 15.60 31.71 -26.03
C GLY B 147 14.27 32.16 -25.53
N ASP B 148 13.22 31.58 -26.09
CA ASP B 148 11.79 31.87 -25.81
C ASP B 148 11.17 30.54 -25.34
N ARG B 149 10.71 30.55 -24.11
CA ARG B 149 10.12 29.39 -23.41
C ARG B 149 8.66 29.20 -23.72
N ASN B 150 8.04 30.15 -24.41
CA ASN B 150 6.60 30.14 -24.63
C ASN B 150 5.93 28.87 -25.26
N THR B 151 6.59 28.24 -26.23
CA THR B 151 6.10 27.03 -26.87
C THR B 151 6.47 25.77 -26.09
N ILE B 152 7.28 25.96 -25.05
CA ILE B 152 7.79 24.86 -24.33
C ILE B 152 7.12 24.69 -22.93
N ASP B 153 7.04 25.75 -22.14
CA ASP B 153 6.43 25.74 -20.79
C ASP B 153 4.97 26.07 -20.79
N LEU B 154 4.24 25.41 -19.90
CA LEU B 154 2.88 25.69 -19.62
C LEU B 154 2.71 26.56 -18.38
N LYS B 155 1.95 27.61 -18.47
CA LYS B 155 1.60 28.49 -17.35
C LYS B 155 0.25 28.15 -16.74
N VAL B 156 0.03 28.63 -15.51
CA VAL B 156 -1.22 28.43 -14.78
C VAL B 156 -2.42 28.96 -15.66
N ARG B 157 -2.22 30.12 -16.27
CA ARG B 157 -3.25 30.73 -17.10
C ARG B 157 -3.58 29.89 -18.33
N HIS B 158 -2.66 29.05 -18.82
CA HIS B 158 -2.96 28.12 -19.90
C HIS B 158 -3.89 27.01 -19.45
N ILE B 159 -3.76 26.59 -18.21
CA ILE B 159 -4.61 25.46 -17.71
C ILE B 159 -5.98 25.98 -17.35
N TYR B 160 -6.01 27.16 -16.71
CA TYR B 160 -7.25 27.82 -16.31
C TYR B 160 -7.91 28.56 -17.53
N LYS B 161 -8.47 27.78 -18.41
CA LYS B 161 -9.00 28.29 -19.68
C LYS B 161 -10.16 29.29 -19.45
N ASP B 162 -9.76 30.56 -19.43
CA ASP B 162 -10.67 31.71 -19.29
C ASP B 162 -11.26 31.91 -17.88
N THR B 163 -11.01 31.00 -16.95
CA THR B 163 -11.55 31.13 -15.63
C THR B 163 -10.43 31.60 -14.73
N GLU B 164 -10.80 32.06 -13.54
CA GLU B 164 -9.86 32.70 -12.68
C GLU B 164 -9.04 31.67 -11.92
N PRO B 165 -7.70 31.71 -12.07
CA PRO B 165 -6.97 30.72 -11.30
C PRO B 165 -6.84 31.06 -9.83
N PRO B 166 -6.68 30.03 -8.99
CA PRO B 166 -6.61 30.22 -7.56
C PRO B 166 -5.19 30.71 -7.09
N ILE B 167 -4.22 30.66 -8.01
CA ILE B 167 -2.88 31.23 -7.81
C ILE B 167 -2.52 32.04 -9.06
N PRO B 168 -1.39 32.83 -9.03
CA PRO B 168 -1.13 33.74 -10.09
C PRO B 168 -1.04 33.03 -11.41
N GLY B 169 -1.81 33.52 -12.39
CA GLY B 169 -1.84 32.90 -13.73
C GLY B 169 -0.50 32.94 -14.47
N ASP B 170 0.42 33.87 -14.15
CA ASP B 170 1.63 33.95 -14.90
C ASP B 170 2.70 32.89 -14.44
N LEU B 171 2.45 32.19 -13.34
CA LEU B 171 3.35 31.16 -12.80
C LEU B 171 3.47 30.01 -13.77
N THR B 172 4.66 29.48 -13.90
CA THR B 172 4.86 28.20 -14.61
C THR B 172 4.11 27.12 -13.88
N ALA B 173 3.25 26.42 -14.60
CA ALA B 173 2.48 25.28 -14.10
C ALA B 173 3.18 23.97 -14.34
N ALA B 174 3.77 23.85 -15.53
CA ALA B 174 4.48 22.64 -15.94
C ALA B 174 5.63 22.97 -16.89
N ASN B 175 6.88 22.81 -16.42
CA ASN B 175 8.03 23.04 -17.28
C ASN B 175 7.97 22.01 -18.39
N PHE B 176 8.24 22.40 -19.62
CA PHE B 176 8.09 21.54 -20.76
C PHE B 176 6.64 21.06 -21.00
N GLY B 177 5.66 21.55 -20.27
CA GLY B 177 4.35 21.01 -20.43
C GLY B 177 3.54 21.57 -21.63
N HIS B 178 4.09 22.52 -22.40
CA HIS B 178 3.45 23.05 -23.65
C HIS B 178 3.96 22.35 -24.91
N VAL B 179 4.95 21.51 -24.76
CA VAL B 179 5.59 20.85 -25.90
C VAL B 179 4.60 20.03 -26.76
N LEU B 180 3.75 19.27 -26.11
CA LEU B 180 2.79 18.48 -26.84
C LEU B 180 1.69 19.29 -27.51
N HIS B 181 1.49 20.55 -27.12
CA HIS B 181 0.60 21.45 -27.82
C HIS B 181 1.29 22.23 -28.95
N HIS B 182 2.57 21.97 -29.21
CA HIS B 182 3.32 22.70 -30.23
C HIS B 182 4.11 21.78 -31.08
N LEU B 183 3.56 20.61 -31.32
CA LEU B 183 4.21 19.61 -32.18
C LEU B 183 4.26 20.02 -33.65
N ASP B 184 3.47 21.00 -34.06
CA ASP B 184 3.48 21.39 -35.46
C ASP B 184 4.91 21.61 -35.93
N ALA B 185 5.70 22.40 -35.20
CA ALA B 185 7.00 22.81 -35.67
C ALA B 185 8.22 22.41 -34.78
N ASP B 186 9.37 22.88 -35.21
CA ASP B 186 10.66 22.52 -34.66
C ASP B 186 10.85 23.19 -33.29
N PHE B 187 11.61 22.55 -32.43
CA PHE B 187 11.94 23.18 -31.15
C PHE B 187 13.41 23.56 -31.32
N THR B 188 13.73 24.84 -31.23
CA THR B 188 15.06 25.27 -31.54
C THR B 188 15.98 25.04 -30.33
N PRO B 189 17.29 24.91 -30.57
CA PRO B 189 18.24 24.79 -29.43
C PRO B 189 18.17 25.97 -28.39
N SER B 190 18.09 27.20 -28.84
CA SER B 190 17.96 28.35 -27.92
C SER B 190 16.77 28.24 -26.97
N ASN B 191 15.63 27.93 -27.56
CA ASN B 191 14.39 27.84 -26.82
C ASN B 191 14.43 26.66 -25.86
N LYS B 192 14.96 25.51 -26.28
CA LYS B 192 15.09 24.37 -25.40
C LYS B 192 16.02 24.67 -24.28
N LEU B 193 17.15 25.32 -24.58
CA LEU B 193 18.09 25.63 -23.54
C LEU B 193 17.57 26.67 -22.52
N ALA B 194 16.86 27.69 -22.99
CA ALA B 194 16.23 28.66 -22.07
C ALA B 194 15.28 27.88 -21.14
N ALA B 195 14.58 26.85 -21.67
CA ALA B 195 13.68 26.02 -20.82
C ALA B 195 14.42 25.18 -19.76
N VAL B 196 15.58 24.71 -20.10
CA VAL B 196 16.44 23.98 -19.17
C VAL B 196 16.87 24.89 -18.00
N ILE B 197 17.36 26.08 -18.36
CA ILE B 197 17.78 27.05 -17.40
C ILE B 197 16.59 27.47 -16.55
N GLY B 198 15.42 27.63 -17.17
CA GLY B 198 14.26 27.97 -16.38
C GLY B 198 13.85 26.92 -15.34
N VAL B 199 13.91 25.61 -15.67
CA VAL B 199 13.48 24.58 -14.72
C VAL B 199 14.47 24.50 -13.60
N VAL B 200 15.79 24.61 -13.91
CA VAL B 200 16.83 24.59 -12.85
C VAL B 200 16.64 25.82 -11.87
N GLY B 201 16.50 27.01 -12.43
CA GLY B 201 16.27 28.19 -11.61
C GLY B 201 15.07 28.11 -10.75
N GLU B 202 13.95 27.70 -11.33
CA GLU B 202 12.72 27.66 -10.58
C GLU B 202 12.76 26.62 -9.46
N VAL B 203 13.39 25.47 -9.72
CA VAL B 203 13.50 24.44 -8.67
C VAL B 203 14.42 24.94 -7.50
N VAL B 204 15.61 25.47 -7.83
CA VAL B 204 16.47 26.00 -6.85
C VAL B 204 15.81 27.12 -6.05
N THR B 205 15.12 28.07 -6.74
CA THR B 205 14.44 29.13 -6.01
C THR B 205 13.32 28.64 -5.13
N THR B 206 12.52 27.76 -5.63
CA THR B 206 11.42 27.13 -4.87
C THR B 206 11.95 26.52 -3.59
N MET B 207 13.00 25.72 -3.71
CA MET B 207 13.57 25.18 -2.47
C MET B 207 14.08 26.31 -1.50
N ALA B 208 14.81 27.32 -1.99
CA ALA B 208 15.37 28.38 -1.22
C ALA B 208 14.28 29.20 -0.51
N ILE B 209 13.21 29.61 -1.20
CA ILE B 209 12.16 30.33 -0.58
C ILE B 209 11.33 29.47 0.39
N THR B 210 11.26 28.16 0.21
CA THR B 210 10.57 27.30 1.14
C THR B 210 11.30 27.27 2.46
N VAL B 211 12.62 27.01 2.38
CA VAL B 211 13.35 27.00 3.60
C VAL B 211 13.49 28.38 4.25
N ALA B 212 13.49 29.43 3.45
CA ALA B 212 13.47 30.78 4.03
C ALA B 212 12.18 30.97 4.88
N ARG B 213 11.05 30.54 4.35
CA ARG B 213 9.83 30.62 5.13
C ARG B 213 9.97 29.80 6.43
N GLU B 214 10.38 28.55 6.26
CA GLU B 214 10.58 27.62 7.41
C GLU B 214 11.46 28.25 8.53
N PHE B 215 12.61 28.83 8.18
CA PHE B 215 13.54 29.37 9.18
C PHE B 215 13.39 30.85 9.47
N LYS B 216 12.34 31.45 8.93
CA LYS B 216 11.92 32.78 9.17
C LYS B 216 12.90 33.83 8.81
N THR B 217 13.40 33.77 7.57
CA THR B 217 14.27 34.80 7.08
C THR B 217 13.76 35.23 5.72
N GLU B 218 13.90 36.50 5.42
CA GLU B 218 13.61 37.01 4.09
C GLU B 218 14.87 37.14 3.24
N ASN B 219 16.05 36.79 3.76
CA ASN B 219 17.27 36.95 2.99
C ASN B 219 17.69 35.66 2.34
N ILE B 220 17.96 35.70 1.04
CA ILE B 220 18.47 34.52 0.33
C ILE B 220 19.72 34.90 -0.49
N VAL B 221 20.88 34.34 -0.11
CA VAL B 221 22.14 34.55 -0.79
C VAL B 221 22.45 33.36 -1.73
N TYR B 222 22.66 33.65 -3.02
CA TYR B 222 22.89 32.65 -4.04
C TYR B 222 24.34 32.67 -4.48
N ILE B 223 25.01 31.53 -4.28
CA ILE B 223 26.41 31.40 -4.71
C ILE B 223 26.58 30.21 -5.60
N GLY B 224 27.76 30.08 -6.16
CA GLY B 224 28.18 29.01 -7.03
C GLY B 224 28.50 29.42 -8.44
N SER B 225 29.29 28.59 -9.11
CA SER B 225 29.78 28.98 -10.45
C SER B 225 28.68 28.87 -11.49
N SER B 226 27.58 28.21 -11.10
CA SER B 226 26.49 28.08 -12.03
C SER B 226 25.94 29.39 -12.51
N PHE B 227 26.15 30.46 -11.77
CA PHE B 227 25.70 31.79 -12.19
C PHE B 227 26.63 32.47 -13.16
N HIS B 228 27.83 31.97 -13.31
CA HIS B 228 28.79 32.58 -14.25
C HIS B 228 28.38 32.42 -15.75
N ASN B 229 28.46 33.52 -16.45
CA ASN B 229 28.06 33.56 -17.86
C ASN B 229 26.62 33.11 -18.02
N ASN B 230 25.75 33.40 -17.05
CA ASN B 230 24.35 32.98 -17.21
C ASN B 230 23.41 33.98 -16.61
N ALA B 231 23.27 35.10 -17.31
CA ALA B 231 22.45 36.17 -16.86
C ALA B 231 20.99 35.74 -16.75
N LEU B 232 20.56 34.87 -17.64
CA LEU B 232 19.21 34.38 -17.63
C LEU B 232 18.93 33.59 -16.33
N LEU B 233 19.85 32.72 -15.96
CA LEU B 233 19.70 31.99 -14.72
C LEU B 233 19.54 32.97 -13.54
N ARG B 234 20.40 33.96 -13.47
CA ARG B 234 20.33 34.96 -12.43
C ARG B 234 18.99 35.65 -12.42
N LYS B 235 18.53 36.01 -13.60
CA LYS B 235 17.20 36.61 -13.71
C LYS B 235 15.99 35.75 -13.31
N VAL B 236 15.99 34.47 -13.69
CA VAL B 236 14.92 33.49 -13.29
C VAL B 236 14.83 33.40 -11.79
N VAL B 237 16.03 33.34 -11.19
CA VAL B 237 16.15 33.23 -9.78
C VAL B 237 15.78 34.50 -8.98
N GLU B 238 16.37 35.61 -9.37
CA GLU B 238 16.07 36.87 -8.79
C GLU B 238 14.57 37.24 -8.90
N ASP B 239 14.01 37.15 -10.10
CA ASP B 239 12.59 37.54 -10.26
C ASP B 239 11.64 36.77 -9.36
N TYR B 240 11.81 35.44 -9.27
CA TYR B 240 10.88 34.60 -8.52
C TYR B 240 11.16 34.77 -7.03
N THR B 241 12.45 34.98 -6.60
CA THR B 241 12.70 35.25 -5.19
C THR B 241 11.95 36.51 -4.66
N VAL B 242 12.09 37.58 -5.43
CA VAL B 242 11.38 38.86 -5.22
C VAL B 242 9.83 38.61 -5.24
N LEU B 243 9.30 37.84 -6.22
CA LEU B 243 7.84 37.53 -6.17
C LEU B 243 7.39 36.77 -4.95
N ARG B 244 8.26 35.97 -4.32
CA ARG B 244 7.93 35.26 -3.14
C ARG B 244 8.20 36.10 -1.88
N GLY B 245 8.46 37.37 -2.02
CA GLY B 245 8.59 38.22 -0.84
C GLY B 245 9.93 38.14 -0.19
N CYS B 246 10.96 37.61 -0.86
CA CYS B 246 12.30 37.49 -0.29
C CYS B 246 13.26 38.40 -1.01
N LYS B 247 14.45 38.61 -0.46
CA LYS B 247 15.42 39.45 -1.01
C LYS B 247 16.59 38.59 -1.50
N PRO B 248 16.86 38.57 -2.80
CA PRO B 248 17.99 37.81 -3.34
C PRO B 248 19.28 38.59 -3.31
N TYR B 249 20.42 37.92 -3.01
CA TYR B 249 21.73 38.55 -3.04
C TYR B 249 22.66 37.68 -3.86
N TYR B 250 23.44 38.30 -4.76
CA TYR B 250 24.56 37.67 -5.45
C TYR B 250 25.84 38.30 -4.86
N VAL B 251 26.91 37.57 -4.89
CA VAL B 251 28.18 38.01 -4.24
C VAL B 251 29.29 37.95 -5.24
N GLU B 252 30.11 39.02 -5.39
CA GLU B 252 31.26 39.00 -6.23
C GLU B 252 32.24 37.91 -5.66
N ASN B 253 32.69 37.00 -6.54
CA ASN B 253 33.53 35.84 -6.19
C ASN B 253 32.87 34.92 -5.18
N GLY B 254 31.55 34.95 -5.16
CA GLY B 254 30.78 34.03 -4.38
C GLY B 254 31.12 32.57 -4.60
N ALA B 255 31.53 32.18 -5.85
CA ALA B 255 31.91 30.79 -6.16
C ALA B 255 33.16 30.36 -5.44
N PHE B 256 33.91 31.35 -4.89
CA PHE B 256 35.15 31.05 -4.12
C PHE B 256 34.98 31.05 -2.62
N SER B 257 33.71 31.02 -2.16
CA SER B 257 33.38 31.06 -0.77
C SER B 257 34.10 29.93 -0.02
N GLY B 258 34.03 28.73 -0.53
CA GLY B 258 34.69 27.61 0.13
C GLY B 258 36.20 27.73 0.17
N ALA B 259 36.80 28.12 -0.99
CA ALA B 259 38.25 28.35 -1.06
C ALA B 259 38.72 29.37 -0.01
N ILE B 260 38.01 30.49 0.11
CA ILE B 260 38.30 31.51 1.11
C ILE B 260 38.10 31.02 2.53
N GLY B 261 37.00 30.28 2.75
CA GLY B 261 36.70 29.79 4.04
C GLY B 261 37.74 28.79 4.51
N ALA B 262 38.24 27.92 3.63
CA ALA B 262 39.31 26.95 4.00
C ALA B 262 40.51 27.68 4.59
N LEU B 263 40.90 28.82 3.98
CA LEU B 263 42.00 29.64 4.52
C LEU B 263 41.75 30.20 5.87
N TYR B 264 40.51 30.48 6.22
CA TYR B 264 40.23 31.11 7.48
C TYR B 264 39.66 30.19 8.51
N LEU B 265 39.49 28.93 8.23
CA LEU B 265 39.02 28.03 9.29
C LEU B 265 40.19 27.64 10.21
N GLU B 266 39.88 27.43 11.49
CA GLU B 266 40.84 27.05 12.52
C GLU B 266 40.37 25.78 13.19
N MET C 1 -13.11 1.13 -28.42
CA MET C 1 -13.55 0.80 -27.01
C MET C 1 -13.65 -0.70 -26.78
N LYS C 2 -12.80 -1.21 -25.91
CA LYS C 2 -12.87 -2.65 -25.54
C LYS C 2 -13.40 -2.79 -24.12
N VAL C 3 -14.15 -3.85 -23.85
CA VAL C 3 -14.83 -4.01 -22.53
C VAL C 3 -14.56 -5.42 -21.96
N GLY C 4 -14.10 -5.45 -20.70
CA GLY C 4 -14.03 -6.66 -19.92
C GLY C 4 -14.95 -6.58 -18.73
N ILE C 5 -15.68 -7.68 -18.50
CA ILE C 5 -16.63 -7.77 -17.44
C ILE C 5 -16.46 -9.03 -16.63
N ASP C 6 -16.45 -8.86 -15.32
CA ASP C 6 -16.44 -9.94 -14.35
C ASP C 6 -17.74 -9.81 -13.61
N ALA C 7 -18.72 -10.65 -13.99
CA ALA C 7 -20.04 -10.63 -13.37
C ALA C 7 -20.20 -11.72 -12.27
N GLY C 8 -20.10 -11.30 -11.04
CA GLY C 8 -20.03 -12.20 -9.94
C GLY C 8 -21.37 -12.39 -9.31
N GLY C 9 -21.37 -13.07 -8.20
CA GLY C 9 -22.61 -13.28 -7.47
C GLY C 9 -23.24 -12.03 -6.85
N THR C 10 -22.42 -11.04 -6.51
CA THR C 10 -22.91 -9.82 -5.87
C THR C 10 -22.71 -8.52 -6.73
N LEU C 11 -21.52 -8.38 -7.29
CA LEU C 11 -21.13 -7.17 -8.07
C LEU C 11 -20.74 -7.59 -9.48
N ILE C 12 -21.14 -6.74 -10.41
CA ILE C 12 -20.62 -6.74 -11.78
C ILE C 12 -19.51 -5.67 -11.91
N LYS C 13 -18.30 -6.13 -12.23
CA LYS C 13 -17.11 -5.28 -12.42
C LYS C 13 -16.91 -5.07 -13.90
N ILE C 14 -16.84 -3.81 -14.29
CA ILE C 14 -16.68 -3.49 -15.70
C ILE C 14 -15.45 -2.58 -15.90
N VAL C 15 -14.62 -2.96 -16.87
CA VAL C 15 -13.51 -2.11 -17.23
C VAL C 15 -13.63 -1.80 -18.72
N GLN C 16 -13.66 -0.51 -19.07
CA GLN C 16 -13.67 -0.03 -20.47
C GLN C 16 -12.34 0.57 -20.77
N GLU C 17 -11.85 0.24 -21.93
CA GLU C 17 -10.53 0.68 -22.34
C GLU C 17 -10.70 1.35 -23.72
N GLN C 18 -10.17 2.55 -23.87
CA GLN C 18 -10.25 3.30 -25.09
C GLN C 18 -8.97 4.10 -25.19
N ASP C 19 -8.10 3.77 -26.15
CA ASP C 19 -6.80 4.39 -26.33
C ASP C 19 -5.99 4.43 -25.03
N ASN C 20 -5.97 3.33 -24.30
CA ASN C 20 -5.39 3.27 -22.95
C ASN C 20 -6.00 4.23 -21.90
N GLN C 21 -7.22 4.72 -22.09
CA GLN C 21 -7.88 5.46 -21.06
C GLN C 21 -8.72 4.36 -20.42
N ARG C 22 -8.59 4.18 -19.12
CA ARG C 22 -9.40 3.11 -18.47
C ARG C 22 -10.51 3.69 -17.68
N THR C 23 -11.63 3.02 -17.84
CA THR C 23 -12.78 3.30 -17.02
C THR C 23 -13.10 2.08 -16.13
N PHE C 24 -13.32 2.32 -14.84
CA PHE C 24 -13.70 1.32 -13.90
C PHE C 24 -15.15 1.58 -13.38
N LYS C 25 -15.99 0.58 -13.56
CA LYS C 25 -17.37 0.72 -13.26
C LYS C 25 -17.87 -0.47 -12.41
N THR C 26 -18.58 -0.20 -11.31
CA THR C 26 -19.19 -1.26 -10.48
C THR C 26 -20.71 -1.15 -10.54
N GLU C 27 -21.37 -2.27 -10.74
CA GLU C 27 -22.83 -2.31 -10.76
C GLU C 27 -23.32 -3.53 -9.91
N LEU C 28 -24.51 -3.46 -9.31
CA LEU C 28 -25.07 -4.63 -8.58
C LEU C 28 -25.50 -5.76 -9.52
N THR C 29 -25.17 -7.01 -9.14
CA THR C 29 -25.65 -8.16 -9.92
C THR C 29 -27.14 -8.14 -10.00
N LYS C 30 -27.80 -7.69 -8.92
CA LYS C 30 -29.24 -7.48 -8.91
C LYS C 30 -29.72 -6.69 -10.12
N ASN C 31 -28.89 -5.77 -10.62
CA ASN C 31 -29.26 -4.89 -11.73
C ASN C 31 -28.64 -5.28 -13.07
N ILE C 32 -28.29 -6.57 -13.19
CA ILE C 32 -27.68 -7.10 -14.39
C ILE C 32 -28.40 -6.72 -15.71
N ASP C 33 -29.74 -6.66 -15.67
CA ASP C 33 -30.60 -6.27 -16.83
C ASP C 33 -30.33 -4.87 -17.37
N GLN C 34 -29.88 -3.97 -16.52
CA GLN C 34 -29.49 -2.62 -16.92
C GLN C 34 -28.09 -2.61 -17.48
N VAL C 35 -27.19 -3.46 -16.97
CA VAL C 35 -25.88 -3.62 -17.61
C VAL C 35 -26.02 -4.11 -19.05
N VAL C 36 -27.02 -4.96 -19.29
CA VAL C 36 -27.25 -5.51 -20.62
C VAL C 36 -27.73 -4.44 -21.62
N GLU C 37 -28.69 -3.62 -21.20
CA GLU C 37 -29.20 -2.53 -22.04
C GLU C 37 -28.12 -1.52 -22.38
N TRP C 38 -27.36 -1.09 -21.37
CA TRP C 38 -26.21 -0.20 -21.56
C TRP C 38 -25.27 -0.74 -22.62
N LEU C 39 -24.87 -1.99 -22.44
CA LEU C 39 -24.00 -2.66 -23.38
C LEU C 39 -24.62 -2.68 -24.76
N ASN C 40 -25.89 -3.02 -24.87
CA ASN C 40 -26.52 -3.04 -26.21
C ASN C 40 -26.65 -1.65 -26.87
N GLN C 41 -26.49 -0.60 -26.07
CA GLN C 41 -26.52 0.75 -26.60
C GLN C 41 -25.10 1.31 -26.90
N GLN C 42 -24.03 0.68 -26.38
CA GLN C 42 -22.61 1.09 -26.71
C GLN C 42 -22.05 0.52 -28.04
N GLN C 43 -21.02 1.19 -28.54
CA GLN C 43 -20.26 0.76 -29.72
C GLN C 43 -19.02 0.05 -29.20
N ILE C 44 -19.04 -1.27 -29.20
CA ILE C 44 -17.97 -2.05 -28.62
C ILE C 44 -17.14 -2.84 -29.61
N GLU C 45 -15.84 -2.69 -29.52
CA GLU C 45 -14.94 -3.35 -30.42
C GLU C 45 -14.65 -4.79 -30.04
N LYS C 46 -14.48 -5.01 -28.74
CA LYS C 46 -14.20 -6.31 -28.19
C LYS C 46 -14.86 -6.40 -26.84
N LEU C 47 -15.54 -7.50 -26.56
CA LEU C 47 -16.19 -7.74 -25.30
C LEU C 47 -15.79 -9.11 -24.79
N CYS C 48 -15.24 -9.14 -23.60
CA CYS C 48 -14.74 -10.32 -22.94
C CYS C 48 -15.41 -10.43 -21.59
N LEU C 49 -15.80 -11.63 -21.25
CA LEU C 49 -16.66 -11.86 -20.08
C LEU C 49 -16.09 -12.95 -19.21
N THR C 50 -16.34 -12.83 -17.92
CA THR C 50 -15.99 -13.87 -16.96
C THR C 50 -16.90 -13.79 -15.72
N GLY C 51 -16.83 -14.81 -14.89
CA GLY C 51 -17.63 -14.87 -13.69
C GLY C 51 -18.92 -15.62 -13.85
N GLY C 52 -19.58 -15.87 -12.73
CA GLY C 52 -20.73 -16.78 -12.70
C GLY C 52 -21.93 -16.29 -13.50
N ASN C 53 -22.06 -14.98 -13.62
CA ASN C 53 -23.18 -14.38 -14.33
C ASN C 53 -22.80 -13.95 -15.76
N ALA C 54 -21.63 -14.35 -16.24
CA ALA C 54 -21.26 -14.06 -17.63
C ALA C 54 -22.27 -14.66 -18.63
N GLY C 55 -22.83 -15.82 -18.33
CA GLY C 55 -23.82 -16.45 -19.20
C GLY C 55 -25.05 -15.61 -19.40
N VAL C 56 -25.51 -15.00 -18.31
CA VAL C 56 -26.66 -14.12 -18.34
C VAL C 56 -26.43 -12.96 -19.32
N ILE C 57 -25.31 -12.24 -19.20
CA ILE C 57 -24.99 -11.16 -20.14
C ILE C 57 -24.84 -11.67 -21.57
N ALA C 58 -24.10 -12.75 -21.77
CA ALA C 58 -23.87 -13.26 -23.12
C ALA C 58 -25.16 -13.57 -23.87
N GLU C 59 -26.18 -14.07 -23.16
CA GLU C 59 -27.43 -14.47 -23.83
C GLU C 59 -28.33 -13.29 -24.24
N ASN C 60 -28.18 -12.15 -23.57
CA ASN C 60 -29.11 -11.01 -23.76
C ASN C 60 -28.54 -9.82 -24.55
N ILE C 61 -27.27 -9.92 -24.96
CA ILE C 61 -26.62 -8.91 -25.82
C ILE C 61 -26.58 -9.33 -27.29
N ASN C 62 -26.20 -8.39 -28.16
CA ASN C 62 -26.32 -8.54 -29.60
C ASN C 62 -25.01 -8.84 -30.25
N ILE C 63 -23.93 -8.88 -29.48
CA ILE C 63 -22.64 -9.04 -30.11
C ILE C 63 -22.02 -10.37 -29.63
N PRO C 64 -21.11 -10.93 -30.43
CA PRO C 64 -20.38 -12.06 -29.87
C PRO C 64 -19.56 -11.62 -28.65
N ALA C 65 -19.20 -12.56 -27.79
CA ALA C 65 -18.37 -12.21 -26.65
C ALA C 65 -17.52 -13.43 -26.28
N GLN C 66 -16.22 -13.26 -26.04
CA GLN C 66 -15.41 -14.35 -25.52
C GLN C 66 -15.66 -14.50 -24.04
N ILE C 67 -15.68 -15.75 -23.57
CA ILE C 67 -16.00 -16.05 -22.21
C ILE C 67 -14.84 -16.83 -21.62
N PHE C 68 -14.30 -16.34 -20.52
CA PHE C 68 -13.13 -16.95 -19.92
C PHE C 68 -13.43 -17.43 -18.52
N VAL C 69 -12.69 -18.44 -18.04
CA VAL C 69 -12.90 -18.97 -16.67
C VAL C 69 -12.31 -17.95 -15.67
N GLU C 70 -13.04 -17.66 -14.58
CA GLU C 70 -12.66 -16.52 -13.73
C GLU C 70 -11.36 -16.66 -13.02
N PHE C 71 -10.93 -17.88 -12.74
CA PHE C 71 -9.64 -18.10 -12.04
C PHE C 71 -8.46 -17.66 -12.90
N ASP C 72 -8.52 -18.00 -14.17
CA ASP C 72 -7.53 -17.54 -15.07
C ASP C 72 -7.58 -16.04 -15.29
N ALA C 73 -8.77 -15.49 -15.44
CA ALA C 73 -8.97 -14.12 -15.77
C ALA C 73 -8.48 -13.29 -14.60
N ALA C 74 -8.78 -13.69 -13.37
CA ALA C 74 -8.27 -12.98 -12.17
C ALA C 74 -6.74 -13.01 -12.07
N SER C 75 -6.14 -14.17 -12.35
CA SER C 75 -4.69 -14.33 -12.25
C SER C 75 -4.08 -13.34 -13.20
N GLN C 76 -4.68 -13.24 -14.40
CA GLN C 76 -4.06 -12.52 -15.53
C GLN C 76 -4.07 -11.03 -15.22
N GLY C 77 -5.24 -10.58 -14.74
CA GLY C 77 -5.49 -9.19 -14.41
C GLY C 77 -4.68 -8.76 -13.25
N LEU C 78 -4.59 -9.61 -12.23
CA LEU C 78 -3.84 -9.24 -11.04
C LEU C 78 -2.34 -9.11 -11.35
N GLY C 79 -1.79 -9.94 -12.25
CA GLY C 79 -0.36 -9.78 -12.66
C GLY C 79 -0.15 -8.41 -13.32
N ILE C 80 -1.12 -8.01 -14.14
CA ILE C 80 -1.09 -6.75 -14.80
C ILE C 80 -1.05 -5.57 -13.81
N LEU C 81 -1.99 -5.57 -12.88
CA LEU C 81 -2.08 -4.58 -11.85
C LEU C 81 -0.84 -4.57 -10.98
N LEU C 82 -0.33 -5.76 -10.64
CA LEU C 82 0.83 -5.89 -9.73
C LEU C 82 2.09 -5.21 -10.26
N LYS C 83 2.37 -5.53 -11.51
CA LYS C 83 3.57 -5.05 -12.15
C LYS C 83 3.43 -3.52 -12.41
N GLU C 84 2.26 -3.11 -12.85
CA GLU C 84 1.93 -1.70 -13.07
C GLU C 84 2.18 -0.86 -11.81
N GLN C 85 1.88 -1.42 -10.63
CA GLN C 85 2.06 -0.76 -9.31
C GLN C 85 3.37 -1.07 -8.63
N GLY C 86 4.30 -1.63 -9.38
CA GLY C 86 5.62 -1.83 -8.83
C GLY C 86 5.93 -3.04 -7.99
N HIS C 87 5.00 -3.97 -7.79
CA HIS C 87 5.37 -5.19 -7.04
C HIS C 87 5.75 -6.24 -8.07
N ASP C 88 6.99 -6.74 -8.00
CA ASP C 88 7.45 -7.77 -8.95
C ASP C 88 7.68 -9.01 -8.09
N LEU C 89 6.64 -9.84 -7.96
CA LEU C 89 6.69 -10.99 -7.05
C LEU C 89 7.05 -12.23 -7.82
N ALA C 90 8.03 -12.97 -7.33
CA ALA C 90 8.39 -14.21 -7.99
C ALA C 90 7.21 -15.22 -7.95
N ASP C 91 6.58 -15.33 -6.78
CA ASP C 91 5.49 -16.28 -6.57
C ASP C 91 4.59 -15.68 -5.48
N TYR C 92 3.45 -16.31 -5.23
CA TYR C 92 2.49 -15.77 -4.28
C TYR C 92 1.20 -16.60 -4.26
N ILE C 93 0.59 -16.57 -3.11
CA ILE C 93 -0.78 -16.98 -2.96
C ILE C 93 -1.62 -15.77 -3.32
N PHE C 94 -2.70 -15.91 -4.05
CA PHE C 94 -3.68 -14.84 -4.03
C PHE C 94 -4.98 -15.39 -3.45
N ALA C 95 -5.61 -14.52 -2.67
CA ALA C 95 -6.93 -14.83 -2.05
C ALA C 95 -7.93 -13.88 -2.59
N ASN C 96 -8.89 -14.44 -3.29
CA ASN C 96 -9.96 -13.66 -3.89
C ASN C 96 -11.23 -13.66 -3.04
N VAL C 97 -11.36 -12.59 -2.23
CA VAL C 97 -12.43 -12.48 -1.24
C VAL C 97 -13.61 -11.76 -1.80
N GLY C 98 -14.50 -12.52 -2.40
CA GLY C 98 -15.65 -11.97 -3.07
C GLY C 98 -16.90 -12.40 -2.30
N THR C 99 -17.98 -12.71 -3.00
CA THR C 99 -19.13 -13.32 -2.34
C THR C 99 -18.69 -14.52 -1.46
N GLY C 100 -17.87 -15.44 -2.02
CA GLY C 100 -17.06 -16.35 -1.20
C GLY C 100 -15.59 -16.16 -1.56
N THR C 101 -14.72 -16.99 -0.98
CA THR C 101 -13.32 -16.85 -1.08
C THR C 101 -12.67 -18.04 -1.81
N SER C 102 -11.94 -17.74 -2.90
CA SER C 102 -11.16 -18.71 -3.66
C SER C 102 -9.68 -18.39 -3.50
N LEU C 103 -8.86 -19.41 -3.19
CA LEU C 103 -7.44 -19.25 -2.96
C LEU C 103 -6.62 -19.99 -4.05
N HIS C 104 -5.52 -19.34 -4.47
CA HIS C 104 -4.76 -19.74 -5.68
C HIS C 104 -3.31 -19.58 -5.40
N TYR C 105 -2.48 -20.45 -5.99
CA TYR C 105 -1.04 -20.38 -5.86
C TYR C 105 -0.58 -20.07 -7.28
N PHE C 106 0.09 -18.94 -7.41
CA PHE C 106 0.69 -18.47 -8.63
C PHE C 106 2.18 -18.74 -8.56
N ASP C 107 2.67 -19.59 -9.45
CA ASP C 107 4.06 -19.99 -9.41
C ASP C 107 5.00 -19.17 -10.25
N GLY C 108 4.59 -18.00 -10.64
CA GLY C 108 5.41 -17.18 -11.49
C GLY C 108 5.00 -17.29 -12.95
N GLN C 109 4.38 -18.38 -13.35
CA GLN C 109 3.93 -18.53 -14.71
C GLN C 109 2.48 -18.86 -14.88
N SER C 110 1.87 -19.49 -13.88
CA SER C 110 0.43 -19.77 -13.96
C SER C 110 -0.18 -19.98 -12.58
N GLN C 111 -1.49 -19.92 -12.50
CA GLN C 111 -2.24 -20.16 -11.23
C GLN C 111 -2.82 -21.52 -11.22
N ARG C 112 -3.05 -21.99 -10.00
CA ARG C 112 -3.83 -23.18 -9.75
C ARG C 112 -4.64 -22.94 -8.45
N ARG C 113 -5.91 -23.25 -8.46
CA ARG C 113 -6.72 -23.11 -7.26
C ARG C 113 -6.28 -24.13 -6.22
N VAL C 114 -5.92 -23.69 -5.03
CA VAL C 114 -5.46 -24.55 -3.96
C VAL C 114 -6.43 -24.66 -2.74
N GLY C 115 -7.53 -23.96 -2.81
CA GLY C 115 -8.51 -24.02 -1.76
C GLY C 115 -9.62 -23.01 -1.89
N GLY C 116 -10.63 -23.16 -1.06
CA GLY C 116 -11.68 -22.16 -1.04
C GLY C 116 -12.49 -22.36 0.23
N ILE C 117 -13.26 -21.35 0.55
CA ILE C 117 -14.03 -21.36 1.74
C ILE C 117 -15.19 -20.38 1.54
N GLY C 118 -16.31 -20.69 2.22
CA GLY C 118 -17.51 -19.84 2.08
C GLY C 118 -17.54 -18.63 3.01
N THR C 119 -16.53 -18.43 3.84
CA THR C 119 -16.36 -17.18 4.60
C THR C 119 -15.73 -16.08 3.71
N GLY C 120 -16.56 -15.10 3.37
CA GLY C 120 -16.15 -13.98 2.56
C GLY C 120 -17.13 -12.84 2.70
N GLY C 121 -17.25 -12.07 1.65
CA GLY C 121 -18.12 -10.91 1.64
C GLY C 121 -19.58 -11.21 1.83
N GLY C 122 -20.04 -12.31 1.25
CA GLY C 122 -21.41 -12.73 1.39
C GLY C 122 -21.79 -13.07 2.84
N MET C 123 -20.89 -13.65 3.56
CA MET C 123 -21.17 -13.98 4.93
C MET C 123 -21.20 -12.68 5.76
N ILE C 124 -20.35 -11.72 5.42
CA ILE C 124 -20.38 -10.46 6.10
C ILE C 124 -21.73 -9.79 5.99
N GLN C 125 -22.21 -9.75 4.81
CA GLN C 125 -23.53 -9.16 4.60
C GLN C 125 -24.68 -10.00 5.19
N GLY C 126 -24.64 -11.30 5.01
CA GLY C 126 -25.77 -12.19 5.43
C GLY C 126 -25.86 -12.39 6.91
N LEU C 127 -24.76 -12.82 7.53
CA LEU C 127 -24.75 -12.94 8.95
C LEU C 127 -24.87 -11.54 9.60
N GLY C 128 -24.18 -10.56 9.02
CA GLY C 128 -24.34 -9.18 9.46
C GLY C 128 -25.79 -8.73 9.52
N TYR C 129 -26.54 -8.99 8.47
CA TYR C 129 -27.96 -8.75 8.49
C TYR C 129 -28.68 -9.45 9.62
N LEU C 130 -28.38 -10.73 9.78
CA LEU C 130 -29.07 -11.46 10.85
C LEU C 130 -28.76 -10.88 12.20
N LEU C 131 -27.59 -10.34 12.40
CA LEU C 131 -27.25 -9.81 13.71
C LEU C 131 -27.58 -8.34 13.98
N SER C 132 -27.99 -7.63 12.95
CA SER C 132 -28.09 -6.13 13.00
C SER C 132 -29.28 -5.61 12.27
N GLN C 133 -29.90 -6.44 11.44
CA GLN C 133 -30.99 -6.01 10.52
C GLN C 133 -30.60 -4.96 9.43
N ILE C 134 -29.32 -4.59 9.37
CA ILE C 134 -28.85 -3.71 8.30
C ILE C 134 -28.65 -4.46 6.97
N THR C 135 -29.33 -3.97 5.92
CA THR C 135 -29.14 -4.47 4.56
C THR C 135 -28.21 -3.64 3.64
N ASP C 136 -28.03 -2.34 3.96
CA ASP C 136 -27.22 -1.45 3.15
C ASP C 136 -25.76 -1.67 3.42
N TYR C 137 -25.01 -2.08 2.37
CA TYR C 137 -23.62 -2.40 2.56
C TYR C 137 -22.77 -1.29 3.22
N LYS C 138 -22.84 -0.05 2.71
CA LYS C 138 -22.10 1.06 3.36
C LYS C 138 -22.50 1.24 4.87
N GLN C 139 -23.79 1.29 5.12
CA GLN C 139 -24.36 1.34 6.52
C GLN C 139 -23.78 0.19 7.36
N LEU C 140 -23.88 -1.05 6.82
CA LEU C 140 -23.26 -2.20 7.50
C LEU C 140 -21.81 -2.06 7.83
N THR C 141 -20.97 -1.78 6.82
CA THR C 141 -19.53 -1.71 7.11
C THR C 141 -19.12 -0.50 7.94
N ASP C 142 -19.75 0.65 7.72
CA ASP C 142 -19.43 1.82 8.58
C ASP C 142 -19.68 1.47 10.03
N MET C 143 -20.80 0.82 10.32
CA MET C 143 -21.19 0.51 11.72
C MET C 143 -20.16 -0.37 12.39
N ALA C 144 -19.64 -1.33 11.63
CA ALA C 144 -18.76 -2.29 12.13
C ALA C 144 -17.46 -1.73 12.49
N GLN C 145 -17.02 -0.69 11.75
CA GLN C 145 -15.59 -0.28 11.79
C GLN C 145 -15.03 -0.12 13.16
N HIS C 146 -15.84 0.47 14.00
CA HIS C 146 -15.41 0.74 15.36
C HIS C 146 -15.80 -0.28 16.48
N GLY C 147 -16.41 -1.40 16.15
CA GLY C 147 -16.87 -2.32 17.17
C GLY C 147 -15.73 -2.82 18.04
N ASP C 148 -16.03 -3.28 19.25
CA ASP C 148 -15.01 -3.86 20.11
C ASP C 148 -15.33 -5.35 20.22
N ARG C 149 -14.34 -6.21 19.96
CA ARG C 149 -14.58 -7.66 19.92
C ARG C 149 -14.33 -8.35 21.30
N ASN C 150 -13.86 -7.58 22.26
CA ASN C 150 -13.46 -8.17 23.52
C ASN C 150 -14.52 -8.89 24.36
N THR C 151 -15.76 -8.46 24.35
CA THR C 151 -16.80 -9.19 25.08
C THR C 151 -17.31 -10.36 24.27
N ILE C 152 -16.84 -10.49 23.03
CA ILE C 152 -17.37 -11.54 22.15
C ILE C 152 -16.36 -12.64 21.94
N ASP C 153 -15.11 -12.30 21.62
CA ASP C 153 -14.08 -13.26 21.33
C ASP C 153 -13.30 -13.65 22.52
N LEU C 154 -12.93 -14.91 22.54
CA LEU C 154 -12.08 -15.47 23.55
C LEU C 154 -10.68 -15.65 22.98
N LYS C 155 -9.69 -15.21 23.74
CA LYS C 155 -8.24 -15.32 23.44
C LYS C 155 -7.63 -16.47 24.15
N VAL C 156 -6.52 -16.93 23.63
CA VAL C 156 -5.76 -18.00 24.26
C VAL C 156 -5.45 -17.65 25.71
N ARG C 157 -5.18 -16.39 25.98
CA ARG C 157 -4.87 -15.94 27.32
C ARG C 157 -6.05 -16.07 28.29
N HIS C 158 -7.29 -16.04 27.83
CA HIS C 158 -8.43 -16.22 28.70
C HIS C 158 -8.59 -17.68 29.17
N ILE C 159 -8.02 -18.62 28.44
CA ILE C 159 -8.10 -20.02 28.73
C ILE C 159 -6.94 -20.43 29.62
N TYR C 160 -5.76 -20.03 29.24
CA TYR C 160 -4.58 -20.35 30.02
C TYR C 160 -4.45 -19.50 31.31
N LYS C 161 -5.08 -18.34 31.33
CA LYS C 161 -5.18 -17.55 32.57
C LYS C 161 -3.81 -17.08 33.02
N ASP C 162 -3.28 -17.64 34.08
CA ASP C 162 -2.01 -17.18 34.61
C ASP C 162 -0.91 -17.86 33.89
N THR C 163 -1.15 -19.10 33.51
CA THR C 163 -0.09 -19.93 32.96
C THR C 163 0.44 -19.34 31.70
N GLU C 164 1.69 -19.65 31.38
CA GLU C 164 2.25 -19.26 30.11
C GLU C 164 1.70 -20.22 29.06
N PRO C 165 0.91 -19.69 28.10
CA PRO C 165 0.33 -20.56 27.07
C PRO C 165 1.34 -21.11 26.04
N PRO C 166 0.98 -22.23 25.40
CA PRO C 166 1.84 -22.89 24.42
C PRO C 166 1.86 -22.19 23.06
N ILE C 167 0.91 -21.30 22.80
CA ILE C 167 0.92 -20.46 21.64
C ILE C 167 0.61 -19.07 22.14
N PRO C 168 0.89 -18.04 21.33
CA PRO C 168 0.78 -16.68 21.89
C PRO C 168 -0.61 -16.34 22.50
N GLY C 169 -0.59 -15.86 23.75
CA GLY C 169 -1.80 -15.46 24.50
C GLY C 169 -2.78 -14.53 23.83
N ASP C 170 -2.29 -13.63 23.00
CA ASP C 170 -3.15 -12.64 22.38
C ASP C 170 -3.98 -13.19 21.20
N LEU C 171 -3.64 -14.38 20.72
CA LEU C 171 -4.37 -14.93 19.59
C LEU C 171 -5.82 -15.21 19.96
N THR C 172 -6.73 -15.04 19.01
CA THR C 172 -8.06 -15.57 19.14
C THR C 172 -8.05 -17.12 19.28
N ALA C 173 -8.61 -17.59 20.38
CA ALA C 173 -8.85 -19.03 20.62
C ALA C 173 -10.17 -19.50 20.05
N ALA C 174 -11.18 -18.64 20.15
CA ALA C 174 -12.54 -18.98 19.82
C ALA C 174 -13.35 -17.76 19.48
N ASN C 175 -13.70 -17.64 18.19
CA ASN C 175 -14.60 -16.57 17.78
C ASN C 175 -15.96 -16.73 18.43
N PHE C 176 -16.49 -15.65 19.00
CA PHE C 176 -17.79 -15.68 19.70
C PHE C 176 -17.69 -16.48 20.98
N GLY C 177 -16.49 -16.88 21.32
CA GLY C 177 -16.25 -17.71 22.49
C GLY C 177 -16.39 -17.04 23.84
N HIS C 178 -16.29 -15.72 23.90
CA HIS C 178 -16.64 -14.94 25.15
C HIS C 178 -18.12 -14.61 25.38
N VAL C 179 -18.95 -14.84 24.40
CA VAL C 179 -20.34 -14.45 24.54
C VAL C 179 -20.95 -14.96 25.85
N LEU C 180 -20.93 -16.27 26.09
CA LEU C 180 -21.63 -16.78 27.23
C LEU C 180 -21.00 -16.31 28.51
N HIS C 181 -19.82 -15.66 28.46
CA HIS C 181 -19.21 -15.08 29.64
C HIS C 181 -19.73 -13.68 29.94
N HIS C 182 -20.35 -13.08 28.95
CA HIS C 182 -20.78 -11.72 29.05
C HIS C 182 -22.24 -11.59 28.76
N LEU C 183 -23.06 -12.46 29.28
CA LEU C 183 -24.48 -12.41 29.03
C LEU C 183 -25.19 -11.29 29.73
N ASP C 184 -24.48 -10.49 30.51
CA ASP C 184 -25.07 -9.32 31.16
C ASP C 184 -25.30 -8.41 30.00
N ALA C 185 -24.18 -8.09 29.37
CA ALA C 185 -24.12 -7.28 28.20
C ALA C 185 -25.16 -7.46 27.12
N ASP C 186 -25.40 -6.29 26.58
CA ASP C 186 -26.16 -6.04 25.40
C ASP C 186 -25.57 -6.65 24.15
N PHE C 187 -24.29 -6.43 23.81
CA PHE C 187 -23.81 -6.97 22.54
C PHE C 187 -24.34 -6.00 21.55
N THR C 188 -23.61 -4.92 21.40
CA THR C 188 -24.01 -3.89 20.44
C THR C 188 -23.88 -4.33 19.00
N PRO C 189 -24.70 -3.76 18.12
CA PRO C 189 -24.55 -4.10 16.68
C PRO C 189 -23.14 -3.92 16.16
N SER C 190 -22.44 -2.82 16.50
CA SER C 190 -21.09 -2.63 16.01
C SER C 190 -20.14 -3.72 16.54
N ASN C 191 -20.36 -4.15 17.81
CA ASN C 191 -19.47 -5.13 18.42
C ASN C 191 -19.76 -6.47 17.71
N LYS C 192 -21.03 -6.73 17.44
CA LYS C 192 -21.44 -7.94 16.77
C LYS C 192 -20.86 -7.95 15.38
N LEU C 193 -20.96 -6.81 14.69
CA LEU C 193 -20.48 -6.75 13.32
C LEU C 193 -19.01 -6.85 13.19
N ALA C 194 -18.25 -6.25 14.12
CA ALA C 194 -16.77 -6.43 14.15
C ALA C 194 -16.37 -7.87 14.30
N ALA C 195 -17.03 -8.58 15.23
CA ALA C 195 -16.82 -10.04 15.42
C ALA C 195 -17.11 -10.85 14.15
N VAL C 196 -18.16 -10.54 13.41
CA VAL C 196 -18.41 -11.17 12.10
C VAL C 196 -17.23 -10.96 11.13
N ILE C 197 -16.77 -9.71 10.98
CA ILE C 197 -15.63 -9.43 10.14
C ILE C 197 -14.38 -10.06 10.63
N GLY C 198 -14.21 -10.00 11.96
CA GLY C 198 -13.14 -10.66 12.66
C GLY C 198 -13.06 -12.15 12.22
N VAL C 199 -14.15 -12.91 12.29
CA VAL C 199 -14.02 -14.36 11.96
C VAL C 199 -13.75 -14.61 10.47
N VAL C 200 -14.41 -13.90 9.58
CA VAL C 200 -14.19 -14.00 8.21
C VAL C 200 -12.71 -13.69 7.84
N GLY C 201 -12.15 -12.59 8.36
CA GLY C 201 -10.74 -12.25 8.23
C GLY C 201 -9.83 -13.29 8.74
N GLU C 202 -10.15 -13.81 9.90
CA GLU C 202 -9.21 -14.77 10.48
C GLU C 202 -9.18 -16.10 9.71
N VAL C 203 -10.34 -16.50 9.19
CA VAL C 203 -10.44 -17.76 8.48
C VAL C 203 -9.76 -17.60 7.15
N VAL C 204 -10.03 -16.51 6.48
CA VAL C 204 -9.37 -16.28 5.18
C VAL C 204 -7.83 -16.27 5.31
N THR C 205 -7.32 -15.65 6.34
CA THR C 205 -5.89 -15.38 6.49
C THR C 205 -5.22 -16.69 6.90
N THR C 206 -5.87 -17.41 7.81
CA THR C 206 -5.34 -18.66 8.30
C THR C 206 -5.24 -19.60 7.09
N MET C 207 -6.24 -19.57 6.22
CA MET C 207 -6.22 -20.49 5.07
C MET C 207 -5.12 -20.05 4.10
N ALA C 208 -4.98 -18.74 3.89
CA ALA C 208 -3.89 -18.18 3.01
C ALA C 208 -2.48 -18.47 3.53
N ILE C 209 -2.27 -18.30 4.82
CA ILE C 209 -0.97 -18.61 5.40
C ILE C 209 -0.62 -20.10 5.30
N THR C 210 -1.65 -20.98 5.40
CA THR C 210 -1.44 -22.38 5.39
C THR C 210 -1.00 -22.82 4.02
N VAL C 211 -1.70 -22.34 2.99
CA VAL C 211 -1.34 -22.75 1.66
C VAL C 211 -0.04 -22.05 1.25
N ALA C 212 0.30 -20.94 1.87
CA ALA C 212 1.56 -20.23 1.57
C ALA C 212 2.69 -21.07 2.03
N ARG C 213 2.56 -21.65 3.22
CA ARG C 213 3.54 -22.59 3.71
C ARG C 213 3.63 -23.80 2.75
N GLU C 214 2.49 -24.34 2.38
CA GLU C 214 2.45 -25.50 1.60
C GLU C 214 3.10 -25.33 0.23
N PHE C 215 2.92 -24.19 -0.43
CA PHE C 215 3.51 -23.94 -1.73
C PHE C 215 4.81 -23.13 -1.67
N LYS C 216 5.34 -23.00 -0.47
CA LYS C 216 6.59 -22.38 -0.20
C LYS C 216 6.71 -20.98 -0.74
N THR C 217 5.69 -20.15 -0.52
CA THR C 217 5.77 -18.74 -0.83
C THR C 217 5.53 -17.89 0.41
N GLU C 218 6.19 -16.75 0.50
CA GLU C 218 5.98 -15.94 1.68
C GLU C 218 5.11 -14.79 1.28
N ASN C 219 4.67 -14.73 0.03
CA ASN C 219 3.82 -13.61 -0.40
C ASN C 219 2.32 -13.96 -0.52
N ILE C 220 1.48 -13.10 0.04
CA ILE C 220 0.04 -13.27 -0.11
C ILE C 220 -0.64 -12.01 -0.62
N VAL C 221 -1.27 -12.13 -1.75
CA VAL C 221 -2.03 -11.01 -2.33
C VAL C 221 -3.51 -11.14 -2.09
N TYR C 222 -4.11 -10.09 -1.53
CA TYR C 222 -5.55 -10.09 -1.24
C TYR C 222 -6.33 -9.25 -2.24
N ILE C 223 -7.29 -9.80 -2.92
CA ILE C 223 -8.16 -9.05 -3.82
C ILE C 223 -9.62 -9.36 -3.54
N GLY C 224 -10.52 -8.78 -4.32
CA GLY C 224 -11.94 -8.85 -4.07
C GLY C 224 -12.55 -7.56 -3.56
N SER C 225 -13.85 -7.38 -3.79
CA SER C 225 -14.50 -6.22 -3.34
C SER C 225 -14.71 -6.16 -1.82
N SER C 226 -14.47 -7.27 -1.11
CA SER C 226 -14.87 -7.39 0.25
C SER C 226 -14.09 -6.40 1.10
N PHE C 227 -12.94 -5.89 0.59
CA PHE C 227 -12.16 -4.94 1.32
C PHE C 227 -12.63 -3.51 1.17
N HIS C 228 -13.53 -3.28 0.21
CA HIS C 228 -13.90 -1.94 -0.10
C HIS C 228 -14.75 -1.38 1.03
N ASN C 229 -14.33 -0.23 1.53
CA ASN C 229 -15.02 0.39 2.69
C ASN C 229 -15.03 -0.45 3.96
N ASN C 230 -14.03 -1.30 4.09
CA ASN C 230 -13.91 -2.19 5.20
C ASN C 230 -12.49 -2.25 5.70
N ALA C 231 -12.05 -1.16 6.29
CA ALA C 231 -10.72 -1.12 6.86
C ALA C 231 -10.49 -2.19 7.89
N LEU C 232 -11.54 -2.47 8.69
CA LEU C 232 -11.42 -3.47 9.75
C LEU C 232 -11.00 -4.82 9.14
N LEU C 233 -11.62 -5.18 8.04
CA LEU C 233 -11.31 -6.43 7.35
C LEU C 233 -9.89 -6.44 6.81
N ARG C 234 -9.49 -5.34 6.20
CA ARG C 234 -8.12 -5.17 5.71
C ARG C 234 -7.12 -5.34 6.84
N LYS C 235 -7.40 -4.75 7.98
CA LYS C 235 -6.51 -4.78 9.13
C LYS C 235 -6.32 -6.14 9.80
N VAL C 236 -7.43 -6.79 10.03
CA VAL C 236 -7.47 -8.13 10.65
C VAL C 236 -6.59 -9.02 9.77
N VAL C 237 -6.77 -8.93 8.45
CA VAL C 237 -6.03 -9.76 7.48
C VAL C 237 -4.52 -9.44 7.40
N GLU C 238 -4.24 -8.15 7.30
CA GLU C 238 -2.88 -7.69 7.26
C GLU C 238 -2.10 -7.99 8.53
N ASP C 239 -2.66 -7.68 9.70
CA ASP C 239 -1.99 -7.99 10.98
C ASP C 239 -1.68 -9.44 11.17
N TYR C 240 -2.68 -10.30 10.94
CA TYR C 240 -2.42 -11.71 11.17
C TYR C 240 -1.49 -12.27 10.11
N THR C 241 -1.54 -11.76 8.87
CA THR C 241 -0.60 -12.24 7.85
C THR C 241 0.85 -11.95 8.27
N VAL C 242 1.07 -10.71 8.70
CA VAL C 242 2.39 -10.31 9.24
C VAL C 242 2.87 -11.10 10.48
N LEU C 243 2.00 -11.37 11.42
CA LEU C 243 2.36 -12.17 12.58
C LEU C 243 2.83 -13.56 12.24
N ARG C 244 2.35 -14.10 11.14
CA ARG C 244 2.71 -15.44 10.76
C ARG C 244 3.92 -15.52 9.87
N GLY C 245 4.59 -14.40 9.65
CA GLY C 245 5.80 -14.38 8.83
C GLY C 245 5.63 -14.31 7.32
N CYS C 246 4.52 -13.78 6.90
CA CYS C 246 4.19 -13.62 5.50
C CYS C 246 3.99 -12.14 5.21
N LYS C 247 4.04 -11.78 3.94
CA LYS C 247 3.93 -10.39 3.53
C LYS C 247 2.63 -10.21 2.75
N PRO C 248 1.70 -9.41 3.28
CA PRO C 248 0.43 -9.16 2.61
C PRO C 248 0.52 -8.05 1.60
N TYR C 249 -0.17 -8.19 0.48
CA TYR C 249 -0.28 -7.11 -0.49
C TYR C 249 -1.72 -6.91 -0.89
N TYR C 250 -2.12 -5.63 -0.90
CA TYR C 250 -3.35 -5.20 -1.57
C TYR C 250 -2.97 -4.45 -2.85
N VAL C 251 -3.95 -4.22 -3.68
CA VAL C 251 -3.72 -3.93 -5.05
C VAL C 251 -4.75 -2.90 -5.45
N GLU C 252 -4.33 -1.75 -5.97
CA GLU C 252 -5.28 -0.74 -6.37
C GLU C 252 -6.13 -1.30 -7.48
N ASN C 253 -7.43 -1.13 -7.34
CA ASN C 253 -8.40 -1.75 -8.23
C ASN C 253 -8.31 -3.29 -8.34
N GLY C 254 -7.78 -3.93 -7.31
CA GLY C 254 -7.69 -5.37 -7.21
C GLY C 254 -9.03 -6.01 -7.44
N ALA C 255 -10.14 -5.35 -7.04
CA ALA C 255 -11.48 -5.95 -7.30
C ALA C 255 -11.81 -6.15 -8.79
N PHE C 256 -11.09 -5.45 -9.67
CA PHE C 256 -11.27 -5.53 -11.09
C PHE C 256 -10.28 -6.53 -11.79
N SER C 257 -9.53 -7.33 -11.02
CA SER C 257 -8.55 -8.19 -11.61
C SER C 257 -9.19 -9.09 -12.66
N GLY C 258 -10.36 -9.70 -12.37
CA GLY C 258 -11.00 -10.55 -13.36
C GLY C 258 -11.48 -9.86 -14.64
N ALA C 259 -11.92 -8.62 -14.49
CA ALA C 259 -12.50 -7.89 -15.60
C ALA C 259 -11.37 -7.39 -16.49
N ILE C 260 -10.21 -7.05 -15.89
CA ILE C 260 -8.96 -6.70 -16.64
C ILE C 260 -8.42 -7.89 -17.35
N GLY C 261 -8.32 -8.96 -16.59
CA GLY C 261 -7.87 -10.22 -17.12
C GLY C 261 -8.62 -10.64 -18.38
N ALA C 262 -9.94 -10.60 -18.33
CA ALA C 262 -10.77 -11.06 -19.44
C ALA C 262 -10.39 -10.33 -20.74
N LEU C 263 -10.00 -9.07 -20.58
CA LEU C 263 -9.61 -8.20 -21.71
C LEU C 263 -8.34 -8.54 -22.37
N TYR C 264 -7.40 -9.00 -21.57
CA TYR C 264 -6.08 -9.32 -22.05
C TYR C 264 -5.89 -10.81 -22.26
N LEU C 265 -6.93 -11.59 -22.05
CA LEU C 265 -6.93 -12.91 -22.59
C LEU C 265 -7.58 -12.73 -23.96
N MET D 1 -6.64 -44.33 43.68
CA MET D 1 -6.74 -44.29 42.19
C MET D 1 -5.75 -43.35 41.51
N LYS D 2 -5.63 -43.54 40.20
CA LYS D 2 -4.93 -42.64 39.31
C LYS D 2 -5.95 -41.79 38.55
N VAL D 3 -5.67 -40.48 38.47
CA VAL D 3 -6.58 -39.50 37.84
C VAL D 3 -5.86 -38.63 36.82
N GLY D 4 -6.48 -38.45 35.65
CA GLY D 4 -5.99 -37.51 34.64
C GLY D 4 -7.08 -36.51 34.34
N ILE D 5 -6.73 -35.23 34.25
CA ILE D 5 -7.71 -34.17 33.97
C ILE D 5 -7.29 -33.26 32.82
N ASP D 6 -8.23 -33.03 31.91
CA ASP D 6 -8.08 -32.00 30.89
C ASP D 6 -9.01 -30.82 31.25
N ALA D 7 -8.45 -29.76 31.78
CA ALA D 7 -9.27 -28.66 32.23
C ALA D 7 -9.18 -27.59 31.16
N GLY D 8 -10.04 -27.70 30.16
CA GLY D 8 -10.04 -26.75 29.05
C GLY D 8 -10.87 -25.48 29.28
N GLY D 9 -11.08 -24.72 28.22
CA GLY D 9 -11.81 -23.47 28.32
C GLY D 9 -13.29 -23.64 28.64
N THR D 10 -13.95 -24.74 28.25
CA THR D 10 -15.37 -24.91 28.62
C THR D 10 -15.68 -26.16 29.44
N LEU D 11 -14.98 -27.27 29.19
CA LEU D 11 -15.30 -28.48 29.94
C LEU D 11 -14.03 -29.00 30.61
N ILE D 12 -14.22 -29.59 31.79
CA ILE D 12 -13.18 -30.33 32.46
C ILE D 12 -13.48 -31.82 32.27
N LYS D 13 -12.53 -32.51 31.67
CA LYS D 13 -12.66 -33.96 31.39
C LYS D 13 -11.83 -34.70 32.40
N ILE D 14 -12.46 -35.67 33.05
CA ILE D 14 -11.80 -36.44 34.10
C ILE D 14 -11.85 -37.90 33.74
N VAL D 15 -10.72 -38.56 33.85
CA VAL D 15 -10.60 -39.99 33.67
C VAL D 15 -10.09 -40.53 35.01
N GLN D 16 -10.81 -41.51 35.55
CA GLN D 16 -10.38 -42.20 36.76
C GLN D 16 -10.01 -43.63 36.37
N GLU D 17 -8.86 -44.07 36.86
CA GLU D 17 -8.26 -45.33 36.48
C GLU D 17 -7.82 -46.10 37.70
N GLN D 18 -8.68 -47.03 38.14
CA GLN D 18 -8.33 -48.12 39.06
C GLN D 18 -8.93 -49.44 38.56
N ASP D 19 -8.11 -50.50 38.56
CA ASP D 19 -8.46 -51.85 38.01
C ASP D 19 -8.20 -52.00 36.52
N ASN D 20 -7.41 -51.11 35.93
CA ASN D 20 -7.28 -51.08 34.47
C ASN D 20 -8.57 -50.56 33.82
N GLN D 21 -9.70 -50.70 34.54
CA GLN D 21 -10.94 -50.09 34.09
C GLN D 21 -10.94 -48.57 34.31
N ARG D 22 -11.79 -47.91 33.54
CA ARG D 22 -11.69 -46.51 33.35
C ARG D 22 -13.07 -45.95 33.54
N THR D 23 -13.17 -44.89 34.33
CA THR D 23 -14.40 -44.09 34.37
C THR D 23 -14.11 -42.70 33.77
N PHE D 24 -15.10 -42.12 33.08
CA PHE D 24 -14.97 -40.80 32.43
C PHE D 24 -16.02 -39.84 32.95
N LYS D 25 -15.61 -38.65 33.34
CA LYS D 25 -16.57 -37.67 33.80
C LYS D 25 -16.22 -36.33 33.23
N THR D 26 -17.24 -35.59 32.76
CA THR D 26 -17.04 -34.17 32.47
C THR D 26 -17.83 -33.26 33.40
N GLU D 27 -17.27 -32.08 33.65
CA GLU D 27 -17.93 -31.06 34.41
C GLU D 27 -17.62 -29.72 33.78
N LEU D 28 -18.50 -28.75 33.96
CA LEU D 28 -18.31 -27.45 33.33
C LEU D 28 -17.10 -26.77 33.99
N THR D 29 -16.24 -26.13 33.17
CA THR D 29 -15.09 -25.36 33.65
C THR D 29 -15.59 -24.28 34.61
N LYS D 30 -16.81 -23.77 34.39
CA LYS D 30 -17.46 -22.81 35.30
C LYS D 30 -17.79 -23.38 36.69
N ASN D 31 -17.59 -24.69 36.89
CA ASN D 31 -17.77 -25.33 38.19
C ASN D 31 -16.48 -25.94 38.66
N ILE D 32 -15.39 -25.26 38.36
CA ILE D 32 -14.09 -25.81 38.65
C ILE D 32 -13.84 -26.01 40.16
N ASP D 33 -14.39 -25.12 40.97
CA ASP D 33 -14.19 -25.24 42.44
C ASP D 33 -14.81 -26.56 42.98
N GLN D 34 -15.97 -26.94 42.44
CA GLN D 34 -16.50 -28.26 42.71
C GLN D 34 -15.54 -29.38 42.32
N VAL D 35 -14.80 -29.20 41.22
CA VAL D 35 -13.80 -30.20 40.86
C VAL D 35 -12.70 -30.20 41.91
N VAL D 36 -12.15 -29.02 42.18
CA VAL D 36 -11.13 -28.90 43.22
C VAL D 36 -11.62 -29.54 44.54
N GLU D 37 -12.87 -29.27 44.91
CA GLU D 37 -13.45 -29.84 46.13
C GLU D 37 -13.41 -31.36 46.13
N TRP D 38 -13.97 -31.95 45.07
CA TRP D 38 -13.98 -33.41 44.85
C TRP D 38 -12.58 -34.05 44.92
N LEU D 39 -11.61 -33.52 44.18
CA LEU D 39 -10.23 -34.01 44.26
C LEU D 39 -9.71 -34.12 45.68
N ASN D 40 -10.04 -33.11 46.48
CA ASN D 40 -9.56 -32.97 47.84
C ASN D 40 -10.12 -33.99 48.84
N GLN D 41 -11.15 -34.70 48.44
CA GLN D 41 -11.64 -35.88 49.17
C GLN D 41 -11.14 -37.29 48.76
N GLN D 42 -10.28 -37.43 47.75
CA GLN D 42 -10.08 -38.76 47.15
C GLN D 42 -8.68 -39.34 47.35
N GLN D 43 -8.63 -40.62 47.73
CA GLN D 43 -7.37 -41.34 47.76
C GLN D 43 -6.82 -41.31 46.34
N ILE D 44 -5.83 -40.45 46.12
CA ILE D 44 -5.23 -40.29 44.80
C ILE D 44 -3.74 -40.62 44.85
N GLU D 45 -3.37 -41.69 44.16
CA GLU D 45 -2.00 -42.10 44.08
C GLU D 45 -1.24 -41.15 43.18
N LYS D 46 -1.82 -40.85 42.02
CA LYS D 46 -1.10 -40.14 40.95
C LYS D 46 -2.07 -39.15 40.31
N LEU D 47 -1.71 -37.87 40.24
CA LEU D 47 -2.55 -36.87 39.57
C LEU D 47 -1.80 -36.15 38.43
N CYS D 48 -2.28 -36.33 37.20
CA CYS D 48 -1.68 -35.68 36.04
C CYS D 48 -2.69 -34.74 35.41
N LEU D 49 -2.19 -33.60 35.01
CA LEU D 49 -3.05 -32.48 34.65
C LEU D 49 -2.59 -31.91 33.30
N THR D 50 -3.55 -31.35 32.58
CA THR D 50 -3.27 -30.70 31.30
C THR D 50 -4.40 -29.73 31.00
N GLY D 51 -4.18 -28.88 30.01
CA GLY D 51 -5.18 -27.95 29.59
C GLY D 51 -5.00 -26.59 30.25
N GLY D 52 -5.65 -25.59 29.70
CA GLY D 52 -5.43 -24.21 30.13
C GLY D 52 -5.71 -23.89 31.58
N ASN D 53 -6.61 -24.64 32.19
CA ASN D 53 -6.91 -24.44 33.57
C ASN D 53 -6.23 -25.42 34.50
N ALA D 54 -5.23 -26.16 34.03
CA ALA D 54 -4.52 -27.11 34.90
C ALA D 54 -3.95 -26.42 36.17
N GLY D 55 -3.34 -25.26 35.91
CA GLY D 55 -2.64 -24.45 36.91
C GLY D 55 -3.55 -24.01 38.03
N VAL D 56 -4.71 -23.46 37.65
CA VAL D 56 -5.77 -23.09 38.60
C VAL D 56 -6.19 -24.28 39.47
N ILE D 57 -6.15 -25.49 38.92
CA ILE D 57 -6.47 -26.68 39.69
C ILE D 57 -5.36 -27.03 40.66
N ALA D 58 -4.12 -27.05 40.17
CA ALA D 58 -2.98 -27.42 41.00
C ALA D 58 -2.70 -26.40 42.13
N GLU D 59 -2.84 -25.10 41.85
CA GLU D 59 -2.69 -24.05 42.86
C GLU D 59 -3.70 -24.22 44.00
N ASN D 60 -4.87 -24.75 43.67
CA ASN D 60 -6.01 -24.74 44.55
C ASN D 60 -6.24 -26.01 45.33
N ILE D 61 -5.30 -26.94 45.34
CA ILE D 61 -5.48 -28.28 45.94
C ILE D 61 -4.36 -28.64 46.91
N ASN D 62 -4.50 -29.76 47.64
CA ASN D 62 -3.42 -30.26 48.53
C ASN D 62 -2.30 -31.11 47.85
N ILE D 63 -2.61 -32.35 47.45
CA ILE D 63 -1.61 -33.26 46.83
C ILE D 63 -0.90 -32.52 45.70
N PRO D 64 0.35 -32.91 45.39
CA PRO D 64 0.98 -32.31 44.23
C PRO D 64 0.38 -32.96 42.97
N ALA D 65 0.88 -32.59 41.80
CA ALA D 65 0.31 -33.08 40.54
C ALA D 65 1.21 -32.65 39.43
N GLN D 66 1.58 -33.62 38.57
CA GLN D 66 2.27 -33.32 37.31
C GLN D 66 1.35 -32.64 36.26
N ILE D 67 1.95 -31.77 35.47
CA ILE D 67 1.24 -30.98 34.49
C ILE D 67 1.97 -31.08 33.15
N PHE D 68 1.22 -31.47 32.12
CA PHE D 68 1.79 -31.73 30.81
C PHE D 68 1.16 -30.75 29.81
N VAL D 69 1.86 -30.46 28.71
CA VAL D 69 1.27 -29.56 27.71
C VAL D 69 0.17 -30.34 26.95
N GLU D 70 -0.93 -29.68 26.60
CA GLU D 70 -2.09 -30.42 26.05
C GLU D 70 -1.86 -31.05 24.69
N PHE D 71 -0.94 -30.50 23.91
CA PHE D 71 -0.73 -30.97 22.56
C PHE D 71 -0.20 -32.38 22.60
N ASP D 72 0.78 -32.59 23.45
CA ASP D 72 1.39 -33.88 23.56
C ASP D 72 0.57 -34.86 24.36
N ALA D 73 -0.12 -34.39 25.39
CA ALA D 73 -1.07 -35.21 26.11
C ALA D 73 -2.20 -35.78 25.18
N ALA D 74 -2.87 -34.86 24.47
CA ALA D 74 -3.93 -35.23 23.52
C ALA D 74 -3.40 -36.22 22.51
N SER D 75 -2.24 -36.00 21.93
CA SER D 75 -1.65 -36.97 20.99
C SER D 75 -1.44 -38.35 21.57
N GLN D 76 -0.87 -38.40 22.78
CA GLN D 76 -0.60 -39.65 23.47
C GLN D 76 -1.91 -40.41 23.77
N GLY D 77 -2.88 -39.68 24.30
CA GLY D 77 -4.15 -40.29 24.64
C GLY D 77 -4.89 -40.82 23.40
N LEU D 78 -4.86 -40.04 22.32
CA LEU D 78 -5.54 -40.41 21.08
C LEU D 78 -4.98 -41.66 20.50
N GLY D 79 -3.66 -41.75 20.46
CA GLY D 79 -2.96 -42.95 20.01
C GLY D 79 -3.37 -44.20 20.80
N ILE D 80 -3.59 -44.03 22.10
CA ILE D 80 -4.03 -45.12 22.96
C ILE D 80 -5.46 -45.54 22.59
N LEU D 81 -6.34 -44.56 22.39
CA LEU D 81 -7.72 -44.84 21.99
C LEU D 81 -7.83 -45.48 20.61
N LEU D 82 -7.06 -44.98 19.65
CA LEU D 82 -7.11 -45.50 18.31
C LEU D 82 -6.81 -46.97 18.36
N LYS D 83 -5.75 -47.33 19.08
CA LYS D 83 -5.37 -48.72 19.23
C LYS D 83 -6.39 -49.61 19.96
N GLU D 84 -6.92 -49.11 21.08
CA GLU D 84 -7.99 -49.82 21.82
C GLU D 84 -9.22 -50.05 20.93
N GLN D 85 -9.42 -49.16 19.94
CA GLN D 85 -10.55 -49.24 18.98
C GLN D 85 -10.19 -49.83 17.62
N GLY D 86 -9.15 -50.65 17.60
CA GLY D 86 -8.78 -51.43 16.40
C GLY D 86 -8.19 -50.71 15.22
N HIS D 87 -7.70 -49.49 15.39
CA HIS D 87 -7.16 -48.76 14.24
C HIS D 87 -5.64 -48.95 14.32
N ASP D 88 -4.98 -49.13 13.18
CA ASP D 88 -3.51 -48.88 13.11
C ASP D 88 -3.24 -47.95 11.96
N LEU D 89 -3.15 -46.67 12.29
CA LEU D 89 -2.96 -45.68 11.28
C LEU D 89 -1.48 -45.34 11.31
N ALA D 90 -0.88 -45.43 10.15
CA ALA D 90 0.54 -45.10 10.00
C ALA D 90 0.78 -43.63 10.35
N ASP D 91 -0.10 -42.75 9.89
CA ASP D 91 0.05 -41.31 10.15
C ASP D 91 -1.32 -40.60 9.98
N TYR D 92 -1.44 -39.37 10.49
CA TYR D 92 -2.74 -38.73 10.42
C TYR D 92 -2.69 -37.30 10.84
N ILE D 93 -3.62 -36.51 10.31
CA ILE D 93 -3.98 -35.22 10.91
C ILE D 93 -4.95 -35.54 12.05
N PHE D 94 -4.79 -34.86 13.18
CA PHE D 94 -5.88 -34.77 14.11
C PHE D 94 -6.33 -33.34 14.37
N ALA D 95 -7.66 -33.20 14.38
CA ALA D 95 -8.30 -31.95 14.65
C ALA D 95 -9.04 -32.04 15.93
N ASN D 96 -8.57 -31.22 16.87
CA ASN D 96 -9.13 -31.21 18.20
C ASN D 96 -10.10 -30.04 18.27
N VAL D 97 -11.39 -30.34 18.15
CA VAL D 97 -12.42 -29.34 18.01
C VAL D 97 -13.04 -29.11 19.34
N GLY D 98 -12.43 -28.17 20.05
CA GLY D 98 -12.89 -27.87 21.40
C GLY D 98 -13.54 -26.51 21.43
N THR D 99 -13.22 -25.74 22.47
CA THR D 99 -13.71 -24.34 22.49
C THR D 99 -13.27 -23.62 21.16
N GLY D 100 -12.00 -23.86 20.85
CA GLY D 100 -11.39 -23.56 19.57
C GLY D 100 -10.75 -24.81 18.98
N THR D 101 -10.28 -24.68 17.74
CA THR D 101 -9.81 -25.80 16.99
C THR D 101 -8.31 -25.78 16.79
N SER D 102 -7.67 -26.85 17.25
CA SER D 102 -6.21 -27.02 17.12
C SER D 102 -5.93 -28.20 16.19
N LEU D 103 -5.05 -28.00 15.21
CA LEU D 103 -4.74 -28.98 14.21
C LEU D 103 -3.33 -29.55 14.30
N HIS D 104 -3.18 -30.85 14.07
CA HIS D 104 -1.91 -31.54 14.35
C HIS D 104 -1.64 -32.59 13.29
N TYR D 105 -0.37 -32.73 12.94
CA TYR D 105 0.11 -33.82 12.12
C TYR D 105 0.88 -34.81 12.99
N PHE D 106 0.43 -36.07 13.01
CA PHE D 106 1.09 -37.12 13.74
C PHE D 106 1.77 -37.98 12.67
N ASP D 107 3.09 -38.11 12.73
CA ASP D 107 3.84 -38.77 11.68
C ASP D 107 4.15 -40.26 11.91
N GLY D 108 3.58 -40.82 12.95
CA GLY D 108 3.88 -42.19 13.29
C GLY D 108 4.63 -42.28 14.59
N GLN D 109 5.33 -41.21 14.96
CA GLN D 109 6.19 -41.15 16.15
C GLN D 109 5.75 -40.05 17.07
N SER D 110 5.59 -38.83 16.56
CA SER D 110 5.11 -37.75 17.43
C SER D 110 4.29 -36.72 16.67
N GLN D 111 3.76 -35.75 17.41
CA GLN D 111 2.85 -34.74 16.87
C GLN D 111 3.54 -33.41 16.67
N ARG D 112 3.02 -32.62 15.77
CA ARG D 112 3.46 -31.24 15.53
C ARG D 112 2.17 -30.47 15.26
N ARG D 113 1.97 -29.35 15.93
CA ARG D 113 0.88 -28.43 15.57
C ARG D 113 1.12 -27.73 14.20
N VAL D 114 0.13 -27.79 13.31
CA VAL D 114 0.33 -27.32 11.97
C VAL D 114 -0.66 -26.23 11.68
N GLY D 115 -1.40 -25.80 12.72
CA GLY D 115 -2.58 -24.94 12.42
C GLY D 115 -3.58 -24.85 13.56
N GLY D 116 -4.38 -23.81 13.49
CA GLY D 116 -5.46 -23.59 14.44
C GLY D 116 -6.41 -22.59 13.85
N ILE D 117 -7.58 -22.50 14.45
CA ILE D 117 -8.64 -21.61 14.02
C ILE D 117 -9.64 -21.45 15.19
N GLY D 118 -10.26 -20.27 15.24
CA GLY D 118 -11.19 -19.94 16.29
C GLY D 118 -12.61 -20.44 16.06
N THR D 119 -12.83 -21.24 14.99
CA THR D 119 -14.11 -21.81 14.69
C THR D 119 -14.16 -23.22 15.27
N GLY D 120 -15.02 -23.34 16.26
CA GLY D 120 -15.26 -24.55 16.95
C GLY D 120 -16.46 -24.43 17.85
N GLY D 121 -16.41 -25.20 18.92
CA GLY D 121 -17.52 -25.36 19.90
C GLY D 121 -17.87 -24.07 20.56
N GLY D 122 -16.87 -23.26 20.81
CA GLY D 122 -17.08 -21.93 21.41
C GLY D 122 -17.97 -21.05 20.55
N MET D 123 -17.74 -21.06 19.23
CA MET D 123 -18.51 -20.36 18.27
C MET D 123 -19.89 -20.88 18.05
N ILE D 124 -20.05 -22.20 18.15
CA ILE D 124 -21.35 -22.75 18.07
C ILE D 124 -22.21 -22.23 19.22
N GLN D 125 -21.66 -22.18 20.42
CA GLN D 125 -22.48 -21.76 21.54
C GLN D 125 -22.66 -20.23 21.49
N GLY D 126 -21.56 -19.55 21.22
CA GLY D 126 -21.58 -18.08 21.18
C GLY D 126 -22.46 -17.43 20.15
N LEU D 127 -22.19 -17.78 18.90
CA LEU D 127 -22.96 -17.28 17.79
C LEU D 127 -24.33 -17.90 17.83
N GLY D 128 -24.39 -19.12 18.33
CA GLY D 128 -25.67 -19.81 18.36
C GLY D 128 -26.55 -18.99 19.33
N TYR D 129 -25.98 -18.61 20.44
CA TYR D 129 -26.71 -17.75 21.39
C TYR D 129 -27.20 -16.48 20.71
N LEU D 130 -26.30 -15.80 20.02
CA LEU D 130 -26.70 -14.52 19.46
C LEU D 130 -27.78 -14.64 18.50
N LEU D 131 -27.91 -15.78 17.82
CA LEU D 131 -28.95 -15.94 16.84
C LEU D 131 -30.26 -16.57 17.35
N SER D 132 -30.24 -17.14 18.53
CA SER D 132 -31.42 -17.90 19.03
C SER D 132 -31.76 -17.57 20.49
N GLN D 133 -30.86 -16.91 21.18
CA GLN D 133 -31.02 -16.62 22.58
C GLN D 133 -30.99 -17.88 23.41
N ILE D 134 -30.76 -19.04 22.78
CA ILE D 134 -30.57 -20.30 23.50
C ILE D 134 -29.20 -20.41 24.17
N THR D 135 -29.25 -20.70 25.45
CA THR D 135 -28.05 -20.87 26.19
C THR D 135 -27.85 -22.33 26.64
N ASP D 136 -28.88 -23.14 26.60
CA ASP D 136 -28.71 -24.54 26.99
C ASP D 136 -28.11 -25.30 25.80
N TYR D 137 -26.93 -25.83 26.02
CA TYR D 137 -26.20 -26.55 24.99
C TYR D 137 -26.98 -27.69 24.33
N LYS D 138 -27.75 -28.46 25.09
CA LYS D 138 -28.38 -29.64 24.48
C LYS D 138 -29.56 -29.13 23.71
N GLN D 139 -30.17 -28.05 24.20
CA GLN D 139 -31.31 -27.44 23.51
C GLN D 139 -30.86 -26.76 22.18
N LEU D 140 -29.78 -26.01 22.25
CA LEU D 140 -29.13 -25.36 21.10
C LEU D 140 -28.78 -26.35 19.98
N THR D 141 -27.99 -27.37 20.35
CA THR D 141 -27.58 -28.38 19.41
C THR D 141 -28.79 -29.15 18.91
N ASP D 142 -29.74 -29.54 19.78
CA ASP D 142 -30.91 -30.23 19.24
C ASP D 142 -31.71 -29.37 18.33
N MET D 143 -31.90 -28.07 18.64
CA MET D 143 -32.62 -27.15 17.71
C MET D 143 -32.10 -27.09 16.27
N ALA D 144 -30.78 -27.34 16.11
CA ALA D 144 -30.08 -27.28 14.84
C ALA D 144 -30.24 -28.49 13.95
N GLN D 145 -30.61 -29.63 14.57
CA GLN D 145 -30.47 -30.88 13.89
C GLN D 145 -31.27 -31.01 12.61
N HIS D 146 -32.49 -30.44 12.57
CA HIS D 146 -33.37 -30.56 11.46
C HIS D 146 -33.64 -29.25 10.79
N GLY D 147 -32.79 -28.25 11.09
CA GLY D 147 -32.73 -26.97 10.32
C GLY D 147 -32.41 -27.15 8.87
N ASP D 148 -32.84 -26.19 8.04
CA ASP D 148 -32.69 -26.28 6.61
C ASP D 148 -31.89 -25.03 6.19
N ARG D 149 -30.78 -25.26 5.50
CA ARG D 149 -29.78 -24.18 5.31
C ARG D 149 -30.02 -23.50 3.98
N ASN D 150 -30.98 -24.03 3.26
CA ASN D 150 -31.23 -23.62 1.88
C ASN D 150 -31.53 -22.10 1.60
N THR D 151 -32.24 -21.45 2.49
CA THR D 151 -32.56 -20.01 2.36
C THR D 151 -31.42 -19.12 2.95
N ILE D 152 -30.47 -19.76 3.61
CA ILE D 152 -29.40 -19.04 4.27
C ILE D 152 -28.06 -19.08 3.52
N ASP D 153 -27.65 -20.24 3.03
CA ASP D 153 -26.36 -20.44 2.35
C ASP D 153 -26.53 -20.36 0.85
N LEU D 154 -25.50 -19.83 0.17
CA LEU D 154 -25.40 -19.76 -1.26
C LEU D 154 -24.44 -20.80 -1.76
N LYS D 155 -24.88 -21.58 -2.69
CA LYS D 155 -24.05 -22.57 -3.40
C LYS D 155 -23.46 -22.03 -4.72
N VAL D 156 -22.39 -22.71 -5.15
CA VAL D 156 -21.69 -22.43 -6.42
C VAL D 156 -22.71 -22.41 -7.59
N ARG D 157 -23.65 -23.34 -7.60
CA ARG D 157 -24.59 -23.34 -8.68
C ARG D 157 -25.52 -22.16 -8.74
N HIS D 158 -25.74 -21.46 -7.61
CA HIS D 158 -26.54 -20.27 -7.51
C HIS D 158 -25.85 -19.08 -8.11
N ILE D 159 -24.54 -19.06 -8.01
CA ILE D 159 -23.74 -17.98 -8.60
C ILE D 159 -23.62 -18.21 -10.09
N TYR D 160 -23.36 -19.45 -10.46
CA TYR D 160 -23.15 -19.80 -11.89
C TYR D 160 -24.41 -20.06 -12.76
N LYS D 161 -25.58 -19.90 -12.22
CA LYS D 161 -26.78 -19.50 -13.02
C LYS D 161 -26.83 -19.95 -14.48
N ASP D 162 -27.13 -21.23 -14.65
CA ASP D 162 -27.29 -21.86 -15.95
C ASP D 162 -26.03 -21.84 -16.82
N THR D 163 -24.86 -21.85 -16.19
CA THR D 163 -23.58 -21.99 -16.91
C THR D 163 -22.67 -22.95 -16.12
N GLU D 164 -21.72 -23.54 -16.81
CA GLU D 164 -21.02 -24.65 -16.23
C GLU D 164 -19.96 -24.09 -15.24
N PRO D 165 -20.11 -24.33 -13.94
CA PRO D 165 -19.08 -23.81 -13.03
C PRO D 165 -17.73 -24.54 -13.07
N PRO D 166 -16.65 -23.86 -12.72
CA PRO D 166 -15.34 -24.46 -12.85
C PRO D 166 -14.99 -25.36 -11.66
N ILE D 167 -15.87 -25.38 -10.64
CA ILE D 167 -15.84 -26.33 -9.50
C ILE D 167 -17.27 -26.86 -9.22
N PRO D 168 -17.40 -27.95 -8.42
CA PRO D 168 -18.71 -28.61 -8.22
C PRO D 168 -19.79 -27.65 -7.82
N GLY D 169 -20.91 -27.62 -8.54
CA GLY D 169 -21.99 -26.64 -8.26
C GLY D 169 -22.67 -26.84 -6.89
N ASP D 170 -22.62 -28.05 -6.33
CA ASP D 170 -23.22 -28.28 -5.03
C ASP D 170 -22.40 -27.68 -3.80
N LEU D 171 -21.17 -27.22 -4.01
CA LEU D 171 -20.37 -26.71 -2.97
C LEU D 171 -20.96 -25.43 -2.44
N THR D 172 -20.86 -25.24 -1.15
CA THR D 172 -21.17 -23.93 -0.50
C THR D 172 -20.18 -22.91 -1.07
N ALA D 173 -20.75 -21.89 -1.70
CA ALA D 173 -20.00 -20.70 -2.17
C ALA D 173 -19.86 -19.67 -1.08
N ALA D 174 -20.97 -19.41 -0.33
CA ALA D 174 -21.01 -18.33 0.67
C ALA D 174 -21.93 -18.72 1.81
N ASN D 175 -21.35 -19.06 2.93
CA ASN D 175 -22.15 -19.23 4.15
C ASN D 175 -22.94 -17.99 4.50
N PHE D 176 -24.24 -18.12 4.79
CA PHE D 176 -25.08 -16.92 5.01
C PHE D 176 -25.27 -16.03 3.72
N GLY D 177 -24.75 -16.50 2.59
CA GLY D 177 -24.77 -15.69 1.41
C GLY D 177 -26.10 -15.64 0.68
N HIS D 178 -27.06 -16.49 1.04
CA HIS D 178 -28.42 -16.36 0.51
C HIS D 178 -29.38 -15.52 1.37
N VAL D 179 -28.96 -15.09 2.53
CA VAL D 179 -29.86 -14.37 3.48
C VAL D 179 -30.50 -13.21 2.73
N LEU D 180 -29.67 -12.43 2.06
CA LEU D 180 -30.18 -11.24 1.38
C LEU D 180 -31.07 -11.48 0.20
N HIS D 181 -31.12 -12.69 -0.36
CA HIS D 181 -32.08 -13.04 -1.42
C HIS D 181 -33.39 -13.64 -0.87
N HIS D 182 -33.58 -13.70 0.44
CA HIS D 182 -34.77 -14.34 1.01
C HIS D 182 -35.24 -13.50 2.10
N LEU D 183 -35.17 -12.19 1.90
CA LEU D 183 -35.60 -11.27 2.97
C LEU D 183 -37.08 -11.32 3.25
N ASP D 184 -37.88 -11.81 2.30
CA ASP D 184 -39.29 -11.94 2.53
C ASP D 184 -39.54 -12.63 3.86
N ALA D 185 -38.96 -13.80 4.07
CA ALA D 185 -39.33 -14.61 5.24
C ALA D 185 -38.58 -14.34 6.55
N ASP D 186 -39.22 -14.81 7.63
CA ASP D 186 -38.58 -15.10 8.89
C ASP D 186 -37.50 -16.17 8.73
N PHE D 187 -36.38 -15.98 9.40
CA PHE D 187 -35.31 -16.97 9.40
C PHE D 187 -35.45 -17.69 10.73
N THR D 188 -35.75 -18.98 10.70
CA THR D 188 -36.20 -19.63 11.95
C THR D 188 -34.98 -19.97 12.75
N PRO D 189 -35.11 -20.08 14.07
CA PRO D 189 -33.99 -20.50 14.87
C PRO D 189 -33.32 -21.85 14.43
N SER D 190 -34.12 -22.86 14.09
CA SER D 190 -33.50 -24.15 13.62
C SER D 190 -32.62 -23.97 12.35
N ASN D 191 -33.11 -23.21 11.38
CA ASN D 191 -32.40 -22.95 10.13
C ASN D 191 -31.16 -22.14 10.34
N LYS D 192 -31.22 -21.10 11.18
CA LYS D 192 -30.09 -20.32 11.53
C LYS D 192 -29.09 -21.17 12.25
N LEU D 193 -29.54 -22.02 13.19
CA LEU D 193 -28.55 -22.83 13.93
C LEU D 193 -27.92 -23.94 13.05
N ALA D 194 -28.66 -24.51 12.14
CA ALA D 194 -28.07 -25.47 11.16
C ALA D 194 -26.94 -24.73 10.39
N ALA D 195 -27.15 -23.44 10.06
CA ALA D 195 -26.11 -22.64 9.30
C ALA D 195 -24.89 -22.32 10.11
N VAL D 196 -25.04 -22.13 11.41
CA VAL D 196 -23.88 -21.93 12.27
C VAL D 196 -23.01 -23.19 12.29
N ILE D 197 -23.67 -24.33 12.44
CA ILE D 197 -22.98 -25.59 12.55
C ILE D 197 -22.34 -25.89 11.19
N GLY D 198 -23.01 -25.51 10.12
CA GLY D 198 -22.50 -25.68 8.81
C GLY D 198 -21.23 -24.95 8.56
N VAL D 199 -21.13 -23.68 8.99
CA VAL D 199 -19.95 -22.90 8.71
C VAL D 199 -18.80 -23.38 9.55
N VAL D 200 -19.05 -23.68 10.82
CA VAL D 200 -18.01 -24.23 11.70
C VAL D 200 -17.50 -25.57 11.14
N GLY D 201 -18.42 -26.44 10.77
CA GLY D 201 -18.05 -27.78 10.16
C GLY D 201 -17.14 -27.60 8.93
N GLU D 202 -17.53 -26.69 8.05
CA GLU D 202 -16.89 -26.59 6.76
C GLU D 202 -15.53 -25.93 6.99
N VAL D 203 -15.38 -25.04 7.97
CA VAL D 203 -14.09 -24.35 8.11
C VAL D 203 -13.07 -25.32 8.70
N VAL D 204 -13.53 -26.06 9.71
CA VAL D 204 -12.72 -27.05 10.40
C VAL D 204 -12.25 -28.10 9.39
N THR D 205 -13.20 -28.57 8.58
CA THR D 205 -12.87 -29.62 7.56
C THR D 205 -11.94 -29.08 6.51
N THR D 206 -12.26 -27.92 5.96
CA THR D 206 -11.32 -27.21 5.06
C THR D 206 -9.92 -27.14 5.59
N MET D 207 -9.72 -26.69 6.83
CA MET D 207 -8.35 -26.55 7.34
C MET D 207 -7.72 -27.95 7.42
N ALA D 208 -8.52 -28.92 7.83
CA ALA D 208 -8.01 -30.21 8.14
C ALA D 208 -7.62 -30.91 6.82
N ILE D 209 -8.40 -30.74 5.74
CA ILE D 209 -8.05 -31.47 4.53
C ILE D 209 -6.92 -30.73 3.82
N THR D 210 -6.75 -29.45 4.12
CA THR D 210 -5.64 -28.68 3.52
C THR D 210 -4.29 -29.15 4.05
N VAL D 211 -4.22 -29.27 5.38
CA VAL D 211 -2.99 -29.71 6.00
C VAL D 211 -2.73 -31.20 5.76
N ALA D 212 -3.78 -32.00 5.58
CA ALA D 212 -3.58 -33.41 5.18
C ALA D 212 -2.87 -33.54 3.81
N ARG D 213 -3.36 -32.78 2.86
CA ARG D 213 -2.73 -32.67 1.55
C ARG D 213 -1.26 -32.20 1.75
N GLU D 214 -1.06 -31.17 2.56
CA GLU D 214 0.31 -30.63 2.81
C GLU D 214 1.25 -31.71 3.36
N PHE D 215 0.78 -32.46 4.34
CA PHE D 215 1.60 -33.43 4.96
C PHE D 215 1.42 -34.83 4.41
N LYS D 216 0.76 -34.93 3.26
CA LYS D 216 0.66 -36.15 2.54
C LYS D 216 0.07 -37.29 3.32
N THR D 217 -1.09 -37.07 3.96
CA THR D 217 -1.84 -38.17 4.59
C THR D 217 -3.29 -38.02 4.14
N GLU D 218 -3.94 -39.15 3.87
CA GLU D 218 -5.36 -39.25 3.63
C GLU D 218 -6.17 -39.43 4.95
N ASN D 219 -5.52 -39.60 6.11
CA ASN D 219 -6.26 -39.88 7.38
C ASN D 219 -6.47 -38.63 8.21
N ILE D 220 -7.70 -38.44 8.65
CA ILE D 220 -8.03 -37.28 9.51
C ILE D 220 -8.90 -37.74 10.64
N VAL D 221 -8.38 -37.61 11.85
CA VAL D 221 -9.05 -38.00 13.05
C VAL D 221 -9.64 -36.77 13.78
N TYR D 222 -10.94 -36.75 13.95
CA TYR D 222 -11.62 -35.60 14.57
C TYR D 222 -11.95 -35.98 15.98
N ILE D 223 -11.52 -35.14 16.92
CA ILE D 223 -11.86 -35.28 18.31
C ILE D 223 -12.36 -33.97 18.88
N GLY D 224 -12.84 -34.02 20.11
CA GLY D 224 -13.35 -32.86 20.82
C GLY D 224 -14.79 -32.99 21.28
N SER D 225 -15.10 -32.31 22.40
CA SER D 225 -16.44 -32.38 22.90
C SER D 225 -17.39 -31.68 21.97
N SER D 226 -16.92 -30.90 20.99
CA SER D 226 -17.89 -30.23 20.11
C SER D 226 -18.78 -31.18 19.34
N PHE D 227 -18.38 -32.46 19.23
CA PHE D 227 -19.15 -33.45 18.44
C PHE D 227 -20.25 -34.11 19.28
N HIS D 228 -20.21 -33.87 20.56
CA HIS D 228 -21.26 -34.40 21.48
C HIS D 228 -22.64 -33.79 21.28
N ASN D 229 -23.63 -34.65 21.13
CA ASN D 229 -24.97 -34.24 20.95
C ASN D 229 -25.09 -33.33 19.69
N ASN D 230 -24.32 -33.65 18.65
CA ASN D 230 -24.39 -32.90 17.42
C ASN D 230 -24.08 -33.77 16.20
N ALA D 231 -25.06 -34.61 15.81
CA ALA D 231 -24.99 -35.47 14.68
C ALA D 231 -24.82 -34.69 13.36
N LEU D 232 -25.40 -33.48 13.26
CA LEU D 232 -25.27 -32.66 12.09
C LEU D 232 -23.86 -32.16 11.89
N LEU D 233 -23.21 -31.74 12.94
CA LEU D 233 -21.80 -31.34 12.85
C LEU D 233 -20.94 -32.52 12.32
N ARG D 234 -21.23 -33.71 12.81
CA ARG D 234 -20.50 -34.89 12.44
C ARG D 234 -20.68 -35.20 11.00
N LYS D 235 -21.90 -35.04 10.54
CA LYS D 235 -22.25 -35.28 9.18
C LYS D 235 -21.60 -34.26 8.22
N VAL D 236 -21.67 -32.97 8.57
CA VAL D 236 -21.02 -31.89 7.77
C VAL D 236 -19.56 -32.21 7.58
N VAL D 237 -18.89 -32.57 8.63
CA VAL D 237 -17.46 -32.89 8.61
C VAL D 237 -17.11 -34.16 7.83
N GLU D 238 -17.80 -35.23 8.17
CA GLU D 238 -17.62 -36.49 7.48
C GLU D 238 -17.86 -36.42 5.95
N ASP D 239 -19.00 -35.86 5.56
CA ASP D 239 -19.33 -35.77 4.16
C ASP D 239 -18.24 -35.01 3.35
N TYR D 240 -17.87 -33.83 3.81
CA TYR D 240 -16.86 -33.04 3.12
C TYR D 240 -15.44 -33.67 3.13
N THR D 241 -15.09 -34.31 4.21
CA THR D 241 -13.81 -34.99 4.29
C THR D 241 -13.69 -36.05 3.20
N VAL D 242 -14.73 -36.89 3.14
CA VAL D 242 -14.89 -37.89 2.09
C VAL D 242 -14.91 -37.29 0.64
N LEU D 243 -15.77 -36.28 0.35
CA LEU D 243 -15.63 -35.56 -0.91
C LEU D 243 -14.23 -35.03 -1.25
N ARG D 244 -13.42 -34.68 -0.26
CA ARG D 244 -12.07 -34.20 -0.51
C ARG D 244 -11.03 -35.35 -0.62
N GLY D 245 -11.46 -36.60 -0.65
CA GLY D 245 -10.53 -37.69 -0.90
C GLY D 245 -9.92 -38.18 0.35
N CYS D 246 -10.44 -37.80 1.51
CA CYS D 246 -9.76 -38.13 2.77
C CYS D 246 -10.65 -39.08 3.57
N LYS D 247 -10.14 -39.73 4.59
CA LYS D 247 -10.90 -40.68 5.40
C LYS D 247 -11.08 -40.08 6.80
N PRO D 248 -12.34 -39.75 7.17
CA PRO D 248 -12.64 -39.25 8.51
C PRO D 248 -12.70 -40.34 9.59
N TYR D 249 -12.19 -40.11 10.79
CA TYR D 249 -12.45 -40.99 11.94
C TYR D 249 -12.91 -40.22 13.13
N TYR D 250 -13.90 -40.78 13.81
CA TYR D 250 -14.31 -40.35 15.16
C TYR D 250 -13.85 -41.46 16.12
N VAL D 251 -13.54 -41.09 17.35
CA VAL D 251 -13.03 -41.99 18.39
C VAL D 251 -13.98 -41.96 19.56
N GLU D 252 -14.34 -43.12 20.10
CA GLU D 252 -15.16 -43.16 21.29
C GLU D 252 -14.34 -42.60 22.43
N ASN D 253 -14.95 -41.71 23.19
CA ASN D 253 -14.24 -40.89 24.18
C ASN D 253 -13.07 -40.06 23.68
N GLY D 254 -13.06 -39.72 22.41
CA GLY D 254 -11.95 -38.90 21.90
C GLY D 254 -11.83 -37.59 22.65
N ALA D 255 -12.94 -37.08 23.21
CA ALA D 255 -12.87 -35.81 23.97
C ALA D 255 -11.98 -35.94 25.21
N PHE D 256 -11.73 -37.17 25.67
CA PHE D 256 -10.85 -37.44 26.83
C PHE D 256 -9.39 -37.78 26.49
N SER D 257 -8.96 -37.52 25.26
CA SER D 257 -7.62 -37.84 24.78
C SER D 257 -6.54 -37.19 25.63
N GLY D 258 -6.69 -35.90 25.91
CA GLY D 258 -5.71 -35.16 26.75
C GLY D 258 -5.67 -35.68 28.18
N ALA D 259 -6.84 -36.01 28.75
CA ALA D 259 -6.93 -36.50 30.10
C ALA D 259 -6.25 -37.87 30.20
N ILE D 260 -6.52 -38.75 29.22
CA ILE D 260 -5.85 -40.06 29.13
C ILE D 260 -4.34 -39.95 28.91
N GLY D 261 -3.94 -39.06 28.01
CA GLY D 261 -2.52 -38.79 27.72
C GLY D 261 -1.75 -38.23 28.90
N ALA D 262 -2.37 -37.32 29.68
CA ALA D 262 -1.75 -36.79 30.92
C ALA D 262 -1.34 -37.97 31.83
N LEU D 263 -2.23 -38.95 31.96
CA LEU D 263 -1.97 -40.12 32.83
C LEU D 263 -0.83 -41.00 32.34
N TYR D 264 -0.89 -41.42 31.10
CA TYR D 264 0.15 -42.22 30.47
C TYR D 264 1.25 -41.41 29.82
N LEU D 265 1.52 -40.23 30.37
CA LEU D 265 2.77 -39.52 30.12
C LEU D 265 3.60 -39.67 31.41
N GLU D 266 4.13 -40.88 31.60
CA GLU D 266 4.85 -41.31 32.83
C GLU D 266 4.72 -42.82 32.97
PB ADP E . -4.29 17.26 -14.44
O1B ADP E . -3.36 18.43 -14.36
O2B ADP E . -4.78 16.93 -15.81
O3B ADP E . -5.37 17.34 -13.39
PA ADP E . -3.51 14.54 -13.56
O1A ADP E . -3.35 14.30 -12.10
O2A ADP E . -4.68 13.98 -14.28
O3A ADP E . -3.30 16.12 -13.92
O5' ADP E . -2.10 14.06 -14.14
C5' ADP E . -1.69 14.32 -15.48
C4' ADP E . -0.54 13.43 -15.87
O4' ADP E . -0.80 12.07 -15.70
C3' ADP E . -0.03 13.46 -17.30
O3' ADP E . 0.76 14.71 -17.36
C2' ADP E . 0.77 12.19 -17.41
O2' ADP E . 2.06 12.34 -16.83
C1' ADP E . -0.01 11.23 -16.52
N9 ADP E . -0.96 10.34 -17.29
C8 ADP E . -1.53 9.27 -16.74
N7 ADP E . -2.33 8.61 -17.61
C5 ADP E . -2.33 9.32 -18.72
C6 ADP E . -2.90 9.21 -20.07
N6 ADP E . -3.75 8.20 -20.37
N1 ADP E . -2.62 10.13 -20.97
C2 ADP E . -1.84 11.19 -20.74
N3 ADP E . -1.27 11.30 -19.54
C4 ADP E . -1.44 10.45 -18.52
CAP C0D F . -3.16 23.01 -11.72
CAW C0D F . -2.07 23.68 -10.86
CAB C0D F . -2.66 24.02 -9.44
CAC C0D F . -1.64 25.02 -11.54
CAV C0D F . -0.79 22.76 -10.75
OAG C0D F . -0.38 22.34 -12.04
CAU C0D F . 0.35 23.44 -10.01
OAE C0D F . 0.17 23.79 -8.84
NAR C0D F . 1.42 23.79 -10.76
CAN C0D F . 2.61 24.42 -10.20
CAO C0D F . 2.42 25.94 -10.00
CAT C0D F . 3.51 26.49 -9.12
OAD C0D F . 3.38 26.60 -7.88
NAQ C0D F . 4.62 26.89 -9.76
CAM C0D F . 5.80 27.33 -9.01
CAL C0D F . 6.99 27.48 -9.93
CAK C0D F . 6.90 28.95 -10.35
CAJ C0D F . 8.23 29.44 -10.63
CAA C0D F . 8.09 30.62 -11.59
PB ADP G . 31.52 22.40 -8.04
O1B ADP G . 32.10 22.87 -6.72
O2B ADP G . 30.59 21.25 -7.89
O3B ADP G . 32.49 22.26 -9.18
PA ADP G . 30.71 25.15 -8.87
O1A ADP G . 30.16 26.12 -7.81
O2A ADP G . 32.09 25.34 -9.43
O3A ADP G . 30.50 23.60 -8.61
O5' ADP G . 29.71 25.23 -10.19
C5' ADP G . 29.70 24.24 -11.22
C4' ADP G . 28.85 24.70 -12.43
O4' ADP G . 29.27 26.00 -12.83
C3' ADP G . 29.04 23.86 -13.63
O3' ADP G . 28.20 22.72 -13.51
C2' ADP G . 28.61 24.76 -14.75
O2' ADP G . 27.17 24.86 -14.75
C1' ADP G . 29.04 26.14 -14.25
N9 ADP G . 30.26 26.63 -14.90
C8 ADP G . 30.72 27.89 -14.75
N7 ADP G . 31.87 28.10 -15.47
C5 ADP G . 32.18 26.90 -16.01
C6 ADP G . 33.23 26.40 -16.86
N6 ADP G . 34.20 27.25 -17.22
N1 ADP G . 33.22 25.14 -17.26
C2 ADP G . 32.30 24.28 -16.86
N3 ADP G . 31.28 24.72 -16.09
C4 ADP G . 31.15 25.96 -15.66
CAP C0D H . 28.75 18.59 -3.49
CAW C0D H . 27.34 18.26 -2.90
CAB C0D H . 27.36 18.65 -1.41
CAC C0D H . 27.03 16.76 -3.05
CAV C0D H . 26.14 19.04 -3.65
OAG C0D H . 26.29 18.70 -5.06
CAU C0D H . 24.74 18.70 -3.15
OAE C0D H . 24.23 18.96 -2.05
NAR C0D H . 24.05 18.01 -3.98
CAN C0D H . 22.71 17.58 -3.70
CAO C0D H . 22.69 16.25 -2.98
CAT C0D H . 21.26 16.11 -2.40
OAD C0D H . 20.90 16.74 -1.37
NAQ C0D H . 20.44 15.31 -3.08
CAM C0D H . 19.05 15.19 -2.66
CAL C0D H . 18.35 14.49 -3.77
CAK C0D H . 18.56 13.06 -3.45
CAJ C0D H . 17.57 12.25 -4.27
CAA C0D H . 17.86 10.74 -4.01
PB ADP I . -18.38 -11.33 -6.55
O1B ADP I . -19.62 -10.56 -6.84
O2B ADP I . -18.70 -12.74 -6.02
O3B ADP I . -17.38 -11.28 -7.75
PA ADP I . -16.66 -9.29 -5.20
O1A ADP I . -15.21 -9.55 -5.18
O2A ADP I . -17.27 -8.43 -6.26
O3A ADP I . -17.50 -10.67 -5.38
O5' ADP I . -17.03 -9.01 -3.65
C5' ADP I . -18.43 -8.92 -3.25
C4' ADP I . -18.49 -8.37 -1.83
O4' ADP I . -17.95 -7.04 -1.80
C3' ADP I . -19.85 -8.21 -1.22
O3' ADP I . -20.26 -9.52 -0.71
C2' ADP I . -19.58 -7.22 -0.12
O2' ADP I . -18.97 -7.78 1.03
C1' ADP I . -18.50 -6.32 -0.72
N9 ADP I . -18.98 -5.07 -1.28
C8 ADP I . -18.13 -4.04 -1.56
N7 ADP I . -18.80 -3.03 -2.13
C5 ADP I . -20.10 -3.39 -2.25
C6 ADP I . -21.33 -2.79 -2.74
N6 ADP I . -21.34 -1.53 -3.28
N1 ADP I . -22.46 -3.45 -2.63
C2 ADP I . -22.52 -4.69 -2.18
N3 ADP I . -21.44 -5.31 -1.71
C4 ADP I . -20.22 -4.74 -1.72
CAP C0D J . -17.19 -17.60 -7.21
CAW C0D J . -16.63 -18.85 -6.51
CAB C0D J . -15.39 -19.31 -7.33
CAC C0D J . -17.68 -19.99 -6.45
CAV C0D J . -16.22 -18.45 -5.06
OAG C0D J . -17.32 -17.78 -4.42
CAU C0D J . -15.69 -19.54 -4.16
OAE C0D J . -14.63 -20.06 -4.41
NAR C0D J . -16.43 -19.91 -3.11
CAN C0D J . -15.96 -20.93 -2.20
CAO C0D J . -16.28 -22.34 -2.82
CAT C0D J . -15.54 -23.41 -2.00
OAD C0D J . -14.36 -23.69 -2.24
NAQ C0D J . -16.19 -23.96 -0.96
CAM C0D J . -15.54 -24.86 -0.01
CAL C0D J . -16.48 -25.08 1.17
CAK C0D J . -17.52 -26.05 0.68
CAJ C0D J . -17.82 -27.00 1.80
CAA C0D J . -19.05 -27.84 1.50
PB ADP K . -12.14 -27.39 25.84
O1B ADP K . -11.72 -26.13 25.13
O2B ADP K . -13.14 -27.12 26.96
O3B ADP K . -10.99 -28.30 26.22
PA ADP K . -13.82 -29.47 24.55
O1A ADP K . -14.28 -29.93 25.91
O2A ADP K . -13.16 -30.46 23.68
O3A ADP K . -12.96 -28.15 24.66
O5' ADP K . -15.11 -28.95 23.75
C5' ADP K . -16.00 -27.94 24.23
C4' ADP K . -17.22 -27.77 23.39
O4' ADP K . -18.06 -28.95 23.53
C3' ADP K . -18.12 -26.62 23.74
O3' ADP K . -17.65 -25.37 23.22
C2' ADP K . -19.40 -27.03 23.18
O2' ADP K . -19.46 -26.74 21.78
C1' ADP K . -19.40 -28.59 23.28
N9 ADP K . -20.12 -29.22 24.41
C8 ADP K . -20.31 -30.55 24.53
N7 ADP K . -20.97 -30.84 25.69
C5 ADP K . -21.15 -29.66 26.33
C6 ADP K . -21.81 -29.21 27.56
N6 ADP K . -22.37 -30.10 28.42
N1 ADP K . -21.82 -27.92 27.86
C2 ADP K . -21.23 -27.03 27.06
N3 ADP K . -20.65 -27.36 25.90
C4 ADP K . -20.60 -28.62 25.48
CAP C0D L . -7.01 -24.33 23.69
CAW C0D L . -6.30 -23.78 22.44
CAB C0D L . -5.03 -24.54 22.15
CAC C0D L . -6.04 -22.26 22.64
CAV C0D L . -7.24 -24.04 21.23
OAG C0D L . -8.52 -23.45 21.54
CAU C0D L . -6.76 -23.48 19.90
OAE C0D L . -5.86 -23.96 19.24
NAR C0D L . -7.52 -22.50 19.43
CAN C0D L . -7.22 -21.82 18.19
CAO C0D L . -6.16 -20.72 18.44
CAT C0D L . -5.55 -20.35 17.08
OAD C0D L . -4.71 -21.10 16.59
NAQ C0D L . -5.98 -19.25 16.49
CAM C0D L . -5.38 -18.87 15.25
CAL C0D L . -6.35 -18.19 14.39
CAK C0D L . -6.66 -16.86 14.97
CAJ C0D L . -5.48 -15.97 14.87
CAA C0D L . -5.90 -14.46 14.95
#